data_4UF7
#
_entry.id   4UF7
#
_cell.length_a   127.220
_cell.length_b   152.530
_cell.length_c   163.300
_cell.angle_alpha   90.00
_cell.angle_beta   90.00
_cell.angle_gamma   90.00
#
_symmetry.space_group_name_H-M   'I 2 2 2'
#
loop_
_entity.id
_entity.type
_entity.pdbx_description
1 polymer GLYCOPROTEIN
2 polymer EPHRIN-B2
3 non-polymer 'SULFATE ION'
4 non-polymer 'ACETATE ION'
5 non-polymer 'CHLORIDE ION'
6 non-polymer 2-acetamido-2-deoxy-beta-D-glucopyranose
7 water water
#
loop_
_entity_poly.entity_id
_entity_poly.type
_entity_poly.pdbx_seq_one_letter_code
_entity_poly.pdbx_strand_id
1 'polypeptide(L)'
;ETGAHGPSPCRNFSSVPTIYYYRIPGLYNRTALDERCILNPRLTISSTKFAYVHSEYDKNCTRGFKYYELMTFGEILEGP
EKEPRMFSRSFYSPTNAVNYHSCTPIVTVNEGYFLCLECTSSDPLYKANLSNSTFHLVILRHNKDEKIVSMPSFNLSTDQ
EYVQIIPAEGGGTAESGNLYFPCIGRLLHKRVTHPLCKKSNCSRTDDESCLKSYYNQGSPQHQVVNCLIRIRNAQRDNPT
WDVITVDLTNTYPGSRSRIFGSFSKPMLYQSSVSWHTLLQVAEITDLDKYQLDWLDTPYISRPGGSECPFGNYCPTVCWE
GTYNDVYSLTPNNDLFVTVYLKSEQVAENPYFAIFSRDQILKEFPLDAWISSARTTTISCFMFNNEIWCIAALEITRLND
DIIRPIYYSFWLPTDCRTPYPHTGKMTRVPLRSTYNYPYDVPDYAGTKHHHHHH
;
A,B
2 'polypeptide(L)'
;ETGSIVLEPIYWNSSNSKFLPGQGLVLYPQIGDKLDIICPKVDSKTVGQYEYYKVYMVDKDQADRCTIKKENTPLLNCAK
PDQDIKFTIKFQEFSPNLWGLEFQKNKDYYIISTSNGSLEGLDNQEGGVCQTRAMKILMKVGQDGTKHHHHHH
;
C,E
#
loop_
_chem_comp.id
_chem_comp.type
_chem_comp.name
_chem_comp.formula
ACT non-polymer 'ACETATE ION' 'C2 H3 O2 -1'
CL non-polymer 'CHLORIDE ION' 'Cl -1'
NAG D-saccharide, beta linking 2-acetamido-2-deoxy-beta-D-glucopyranose 'C8 H15 N O6'
SO4 non-polymer 'SULFATE ION' 'O4 S -2'
#
# COMPACT_ATOMS: atom_id res chain seq x y z
N GLY A 6 6.32 37.60 -2.41
CA GLY A 6 4.99 37.61 -1.71
C GLY A 6 4.93 38.57 -0.54
N PRO A 7 3.80 38.57 0.20
CA PRO A 7 3.66 39.46 1.38
C PRO A 7 4.47 38.96 2.58
N SER A 8 4.92 39.89 3.43
CA SER A 8 5.80 39.57 4.55
C SER A 8 5.00 39.11 5.78
N PRO A 9 5.51 38.09 6.50
CA PRO A 9 4.77 37.58 7.66
C PRO A 9 4.73 38.55 8.82
N CYS A 10 3.60 38.55 9.53
CA CYS A 10 3.45 39.31 10.76
C CYS A 10 4.42 38.77 11.83
N ARG A 11 5.06 39.69 12.55
CA ARG A 11 5.93 39.33 13.68
C ARG A 11 5.53 39.97 15.00
N ASN A 12 4.34 40.57 15.05
CA ASN A 12 3.79 41.16 16.26
C ASN A 12 2.38 40.61 16.49
N PHE A 13 2.21 39.81 17.54
CA PHE A 13 0.96 39.05 17.75
C PHE A 13 0.10 39.60 18.90
N SER A 14 0.30 40.86 19.28
CA SER A 14 -0.51 41.49 20.34
C SER A 14 -2.00 41.50 20.01
N SER A 15 -2.34 41.79 18.75
CA SER A 15 -3.73 41.74 18.25
C SER A 15 -4.00 40.47 17.41
N VAL A 16 -3.34 39.38 17.78
CA VAL A 16 -3.49 38.09 17.11
C VAL A 16 -3.57 37.05 18.23
N PRO A 17 -4.75 36.98 18.88
CA PRO A 17 -4.89 36.06 20.02
C PRO A 17 -4.84 34.60 19.64
N THR A 18 -5.24 34.28 18.41
CA THR A 18 -5.28 32.90 17.92
C THR A 18 -4.56 32.79 16.58
N ILE A 19 -3.74 31.75 16.42
CA ILE A 19 -3.29 31.31 15.11
C ILE A 19 -4.30 30.27 14.64
N TYR A 20 -4.75 30.41 13.40
CA TYR A 20 -5.69 29.47 12.82
C TYR A 20 -4.91 28.24 12.33
N TYR A 21 -5.30 27.07 12.81
CA TYR A 21 -4.75 25.84 12.31
C TYR A 21 -5.80 24.74 12.25
N TYR A 22 -5.51 23.74 11.42
CA TYR A 22 -6.46 22.70 11.07
C TYR A 22 -5.73 21.37 11.05
N ARG A 23 -6.30 20.36 11.69
CA ARG A 23 -5.82 19.00 11.51
C ARG A 23 -6.24 18.53 10.14
N ILE A 24 -5.31 17.93 9.40
CA ILE A 24 -5.58 17.45 8.05
C ILE A 24 -5.42 15.95 8.04
N PRO A 25 -6.08 15.27 7.09
CA PRO A 25 -6.04 13.81 7.16
C PRO A 25 -4.67 13.24 6.80
N GLY A 26 -4.43 12.02 7.26
CA GLY A 26 -3.30 11.21 6.80
C GLY A 26 -3.47 10.87 5.33
N LEU A 27 -2.41 10.33 4.73
CA LEU A 27 -2.39 10.14 3.28
C LEU A 27 -3.21 8.92 2.80
N TYR A 28 -3.52 7.99 3.71
CA TYR A 28 -4.32 6.83 3.39
C TYR A 28 -5.02 6.29 4.63
N ASN A 29 -6.08 5.51 4.40
CA ASN A 29 -6.77 4.78 5.45
C ASN A 29 -6.77 3.31 5.09
N ARG A 30 -6.94 2.47 6.10
CA ARG A 30 -7.13 1.04 5.90
C ARG A 30 -7.93 0.46 7.06
N THR A 31 -8.47 -0.73 6.83
CA THR A 31 -9.03 -1.53 7.91
C THR A 31 -7.92 -1.93 8.87
N ALA A 32 -8.26 -1.95 10.16
CA ALA A 32 -7.32 -2.33 11.21
C ALA A 32 -6.02 -1.52 11.13
N LEU A 33 -6.16 -0.21 10.91
CA LEU A 33 -5.01 0.71 10.91
C LEU A 33 -4.48 0.85 12.34
N ASP A 34 -5.39 0.79 13.31
CA ASP A 34 -5.02 0.82 14.74
C ASP A 34 -4.21 -0.39 15.21
N GLU A 35 -4.24 -1.48 14.44
CA GLU A 35 -3.34 -2.65 14.62
C GLU A 35 -1.96 -2.49 13.97
N ARG A 36 -1.68 -1.34 13.36
CA ARG A 36 -0.37 -1.03 12.82
C ARG A 36 0.27 0.06 13.66
N CYS A 37 1.58 -0.02 13.79
CA CYS A 37 2.36 1.02 14.46
C CYS A 37 3.10 1.79 13.35
N ILE A 38 2.75 3.05 13.15
CA ILE A 38 3.32 3.85 12.07
C ILE A 38 4.22 4.91 12.68
N LEU A 39 5.49 4.89 12.26
CA LEU A 39 6.53 5.65 12.92
C LEU A 39 7.32 6.45 11.92
N ASN A 40 8.08 7.38 12.49
CA ASN A 40 9.17 8.06 11.80
C ASN A 40 8.75 8.79 10.50
N PRO A 41 7.81 9.74 10.62
CA PRO A 41 7.41 10.57 9.47
C PRO A 41 8.53 11.49 9.04
N ARG A 42 8.75 11.57 7.74
CA ARG A 42 9.70 12.49 7.15
C ARG A 42 9.01 13.18 5.99
N LEU A 43 9.09 14.50 5.98
CA LEU A 43 8.29 15.32 5.06
C LEU A 43 9.12 16.51 4.58
N THR A 44 9.04 16.78 3.30
CA THR A 44 9.59 18.01 2.74
C THR A 44 8.57 18.54 1.72
N ILE A 45 8.25 19.82 1.85
CA ILE A 45 7.32 20.49 0.95
C ILE A 45 8.06 21.64 0.30
N SER A 46 7.91 21.75 -1.01
CA SER A 46 8.40 22.90 -1.76
C SER A 46 7.27 23.34 -2.68
N SER A 47 6.73 24.53 -2.39
CA SER A 47 5.64 25.15 -3.17
C SER A 47 4.39 24.28 -3.18
N THR A 48 4.11 23.59 -4.30
CA THR A 48 2.88 22.82 -4.49
C THR A 48 3.08 21.31 -4.40
N LYS A 49 4.33 20.85 -4.17
CA LYS A 49 4.66 19.43 -4.16
C LYS A 49 5.25 19.01 -2.81
N PHE A 50 5.10 17.72 -2.48
CA PHE A 50 5.79 17.18 -1.28
C PHE A 50 6.32 15.78 -1.53
N ALA A 51 7.34 15.41 -0.76
CA ALA A 51 7.87 14.05 -0.70
C ALA A 51 7.80 13.62 0.76
N TYR A 52 7.29 12.41 0.99
CA TYR A 52 7.02 11.94 2.33
C TYR A 52 7.37 10.48 2.46
N VAL A 53 7.90 10.09 3.63
CA VAL A 53 8.12 8.67 3.92
C VAL A 53 7.82 8.39 5.39
N HIS A 54 7.26 7.22 5.64
CA HIS A 54 7.17 6.71 7.01
C HIS A 54 7.33 5.20 7.02
N SER A 55 7.43 4.63 8.22
CA SER A 55 7.67 3.20 8.40
C SER A 55 6.46 2.57 9.08
N GLU A 56 6.01 1.44 8.55
CA GLU A 56 4.78 0.80 9.04
C GLU A 56 5.13 -0.58 9.54
N TYR A 57 4.81 -0.80 10.81
CA TYR A 57 5.11 -2.04 11.51
C TYR A 57 3.82 -2.68 12.00
N ASP A 58 3.94 -3.93 12.48
CA ASP A 58 2.88 -4.52 13.28
C ASP A 58 2.80 -3.81 14.64
N LYS A 59 1.89 -4.27 15.49
CA LYS A 59 1.60 -3.56 16.74
C LYS A 59 2.78 -3.49 17.71
N ASN A 60 3.79 -4.32 17.53
CA ASN A 60 5.01 -4.26 18.33
C ASN A 60 6.06 -3.24 17.88
N CYS A 61 5.72 -2.40 16.90
CA CYS A 61 6.60 -1.33 16.44
C CYS A 61 7.94 -1.90 15.99
N THR A 62 9.07 -1.29 16.34
CA THR A 62 10.35 -1.74 15.84
C THR A 62 10.77 -3.12 16.38
N ARG A 63 10.10 -3.63 17.41
CA ARG A 63 10.31 -5.00 17.89
C ARG A 63 9.49 -6.01 17.12
N GLY A 64 8.71 -5.57 16.14
CA GLY A 64 7.89 -6.46 15.34
C GLY A 64 8.28 -6.38 13.87
N PHE A 65 7.39 -6.91 13.04
CA PHE A 65 7.61 -6.95 11.60
C PHE A 65 7.36 -5.60 10.94
N LYS A 66 8.24 -5.26 10.00
CA LYS A 66 8.10 -4.04 9.23
C LYS A 66 7.46 -4.35 7.88
N TYR A 67 6.25 -3.87 7.70
CA TYR A 67 5.51 -4.13 6.45
C TYR A 67 6.01 -3.25 5.31
N TYR A 68 6.22 -1.97 5.60
CA TYR A 68 6.54 -1.00 4.55
C TYR A 68 7.54 0.04 5.00
N GLU A 69 8.38 0.45 4.04
CA GLU A 69 9.14 1.68 4.12
C GLU A 69 8.46 2.51 3.04
N LEU A 70 7.45 3.29 3.44
CA LEU A 70 6.42 3.78 2.52
C LEU A 70 6.75 5.19 2.03
N MET A 71 7.07 5.31 0.74
CA MET A 71 7.47 6.57 0.13
C MET A 71 6.42 7.07 -0.85
N THR A 72 6.22 8.39 -0.88
CA THR A 72 5.26 8.98 -1.84
C THR A 72 5.66 10.40 -2.26
N PHE A 73 5.23 10.76 -3.47
CA PHE A 73 5.49 12.07 -4.10
C PHE A 73 4.12 12.60 -4.47
N GLY A 74 3.71 13.69 -3.86
CA GLY A 74 2.35 14.19 -4.04
C GLY A 74 2.25 15.68 -4.19
N GLU A 75 1.03 16.18 -4.03
CA GLU A 75 0.76 17.59 -4.24
C GLU A 75 -0.08 18.17 -3.11
N ILE A 76 0.05 19.49 -2.96
CA ILE A 76 -0.71 20.24 -1.99
C ILE A 76 -1.95 20.80 -2.69
N LEU A 77 -3.13 20.44 -2.21
CA LEU A 77 -4.40 20.88 -2.78
C LEU A 77 -5.32 21.42 -1.70
N GLU A 78 -6.36 22.13 -2.13
CA GLU A 78 -7.27 22.78 -1.20
C GLU A 78 -8.21 21.79 -0.50
N GLY A 79 -8.39 22.00 0.80
CA GLY A 79 -9.34 21.23 1.61
C GLY A 79 -10.66 21.98 1.77
N PRO A 80 -11.64 21.35 2.46
CA PRO A 80 -12.99 21.92 2.60
C PRO A 80 -13.04 23.30 3.27
N GLU A 81 -12.10 23.59 4.16
CA GLU A 81 -12.04 24.89 4.85
C GLU A 81 -11.01 25.84 4.22
N LYS A 82 -10.73 25.65 2.93
CA LYS A 82 -9.72 26.42 2.19
C LYS A 82 -8.25 26.24 2.67
N GLU A 83 -8.01 25.22 3.51
CA GLU A 83 -6.67 24.93 4.03
C GLU A 83 -5.94 24.01 3.04
N PRO A 84 -4.61 24.13 2.96
CA PRO A 84 -3.86 23.20 2.15
C PRO A 84 -3.87 21.80 2.79
N ARG A 85 -3.95 20.79 1.94
CA ARG A 85 -3.93 19.39 2.33
C ARG A 85 -2.98 18.64 1.42
N MET A 86 -2.49 17.51 1.92
CA MET A 86 -1.58 16.67 1.16
C MET A 86 -2.38 15.59 0.45
N PHE A 87 -2.08 15.40 -0.83
CA PHE A 87 -2.72 14.37 -1.61
C PHE A 87 -1.69 13.61 -2.45
N SER A 88 -1.77 12.30 -2.42
CA SER A 88 -1.06 11.44 -3.37
C SER A 88 -1.90 10.20 -3.68
N ARG A 89 -1.70 9.66 -4.88
CA ARG A 89 -2.41 8.46 -5.34
C ARG A 89 -1.57 7.20 -5.27
N SER A 90 -0.25 7.33 -5.39
CA SER A 90 0.65 6.21 -5.46
C SER A 90 1.63 6.27 -4.30
N PHE A 91 1.78 5.12 -3.64
CA PHE A 91 2.72 4.91 -2.56
C PHE A 91 3.58 3.74 -2.94
N TYR A 92 4.84 3.76 -2.53
CA TYR A 92 5.86 2.80 -2.97
C TYR A 92 6.62 2.26 -1.79
N SER A 93 6.98 0.98 -1.83
CA SER A 93 7.83 0.39 -0.81
C SER A 93 8.71 -0.69 -1.38
N PRO A 94 9.94 -0.82 -0.85
CA PRO A 94 10.67 -2.05 -1.14
C PRO A 94 9.94 -3.25 -0.57
N THR A 95 10.24 -4.42 -1.11
CA THR A 95 9.89 -5.68 -0.48
C THR A 95 10.93 -5.92 0.61
N ASN A 96 10.60 -6.71 1.62
CA ASN A 96 11.50 -6.95 2.75
C ASN A 96 12.01 -5.59 3.31
N ALA A 97 11.02 -4.77 3.65
CA ALA A 97 11.21 -3.43 4.17
C ALA A 97 12.13 -3.38 5.39
N VAL A 98 12.23 -4.47 6.17
CA VAL A 98 13.14 -4.50 7.32
C VAL A 98 14.58 -4.21 6.93
N ASN A 99 14.97 -4.50 5.70
CA ASN A 99 16.35 -4.26 5.28
C ASN A 99 16.62 -2.89 4.65
N TYR A 100 15.63 -2.02 4.62
CA TYR A 100 15.79 -0.68 4.08
CA TYR A 100 15.74 -0.65 4.04
C TYR A 100 15.61 0.31 5.21
N HIS A 101 16.53 1.25 5.30
CA HIS A 101 16.61 2.10 6.47
C HIS A 101 16.81 3.55 6.13
N SER A 102 16.24 4.39 6.97
CA SER A 102 16.58 5.80 7.04
C SER A 102 16.33 6.59 5.76
N CYS A 103 15.34 6.17 4.98
CA CYS A 103 14.98 6.87 3.74
C CYS A 103 14.78 8.36 4.01
N THR A 104 15.48 9.19 3.25
CA THR A 104 15.56 10.62 3.48
C THR A 104 15.03 11.34 2.22
N PRO A 105 13.98 12.14 2.38
CA PRO A 105 13.29 12.74 1.23
C PRO A 105 13.84 14.09 0.72
N ILE A 106 13.79 14.28 -0.60
CA ILE A 106 13.97 15.57 -1.27
C ILE A 106 12.82 15.71 -2.27
N VAL A 107 12.23 16.91 -2.34
CA VAL A 107 11.19 17.19 -3.30
C VAL A 107 11.60 18.30 -4.26
N THR A 108 11.24 18.11 -5.53
CA THR A 108 11.35 19.15 -6.59
C THR A 108 10.01 19.17 -7.32
N VAL A 109 9.86 20.15 -8.22
CA VAL A 109 8.61 20.27 -8.98
C VAL A 109 8.20 18.98 -9.69
N ASN A 110 9.14 18.25 -10.28
CA ASN A 110 8.83 17.03 -11.03
C ASN A 110 9.29 15.70 -10.44
N GLU A 111 10.03 15.69 -9.34
CA GLU A 111 10.55 14.44 -8.77
C GLU A 111 10.47 14.46 -7.26
N GLY A 112 10.16 13.30 -6.69
CA GLY A 112 10.41 13.00 -5.27
C GLY A 112 11.59 12.05 -5.22
N TYR A 113 12.61 12.38 -4.40
CA TYR A 113 13.79 11.55 -4.26
C TYR A 113 13.89 11.05 -2.83
N PHE A 114 14.33 9.80 -2.65
CA PHE A 114 14.54 9.22 -1.33
C PHE A 114 15.88 8.52 -1.29
N LEU A 115 16.77 8.93 -0.38
CA LEU A 115 18.02 8.22 -0.19
C LEU A 115 17.86 7.26 0.99
N CYS A 116 17.97 5.97 0.69
CA CYS A 116 17.80 4.88 1.62
C CYS A 116 19.06 4.08 1.72
N LEU A 117 19.23 3.36 2.82
CA LEU A 117 20.32 2.44 2.98
C LEU A 117 19.81 1.03 3.15
N GLU A 118 20.31 0.11 2.32
CA GLU A 118 19.98 -1.30 2.43
C GLU A 118 21.06 -2.02 3.24
N CYS A 119 20.63 -2.73 4.26
CA CYS A 119 21.52 -3.36 5.19
C CYS A 119 20.70 -4.39 5.97
N THR A 120 21.22 -5.59 6.22
CA THR A 120 20.41 -6.60 6.93
C THR A 120 20.30 -6.36 8.44
N SER A 121 21.23 -5.62 9.01
CA SER A 121 21.17 -5.24 10.41
C SER A 121 20.08 -4.23 10.70
N SER A 122 19.43 -4.40 11.84
CA SER A 122 18.47 -3.41 12.36
C SER A 122 19.12 -2.12 12.92
N ASP A 123 20.44 -2.13 13.16
CA ASP A 123 21.13 -0.94 13.69
C ASP A 123 22.33 -0.64 12.77
N PRO A 124 22.05 -0.26 11.51
CA PRO A 124 23.11 -0.19 10.50
C PRO A 124 24.29 0.71 10.84
N LEU A 125 24.04 1.86 11.47
CA LEU A 125 25.15 2.78 11.78
C LEU A 125 26.21 2.10 12.65
N TYR A 126 25.75 1.34 13.64
CA TYR A 126 26.65 0.81 14.65
C TYR A 126 27.00 -0.66 14.47
N LYS A 127 26.18 -1.42 13.72
CA LYS A 127 26.39 -2.88 13.59
C LYS A 127 26.72 -3.34 12.19
N ALA A 128 26.86 -2.39 11.25
CA ALA A 128 27.26 -2.72 9.88
C ALA A 128 28.31 -1.71 9.45
N ASN A 129 28.93 -1.97 8.31
CA ASN A 129 29.92 -1.09 7.77
C ASN A 129 29.77 -0.96 6.27
N LEU A 130 30.68 -0.20 5.64
CA LEU A 130 30.58 0.06 4.21
C LEU A 130 30.54 -1.23 3.39
N SER A 131 31.24 -2.26 3.84
CA SER A 131 31.33 -3.50 3.08
C SER A 131 30.01 -4.27 2.95
N ASN A 132 29.07 -4.06 3.87
CA ASN A 132 27.79 -4.78 3.81
C ASN A 132 26.55 -3.87 3.79
N SER A 133 26.72 -2.70 3.17
CA SER A 133 25.64 -1.73 3.03
C SER A 133 25.62 -1.21 1.60
N THR A 134 24.45 -0.81 1.14
CA THR A 134 24.26 -0.28 -0.22
C THR A 134 23.28 0.87 -0.16
N PHE A 135 23.64 2.02 -0.72
CA PHE A 135 22.71 3.14 -0.85
C PHE A 135 21.79 2.95 -2.04
N HIS A 136 20.55 3.39 -1.90
CA HIS A 136 19.60 3.39 -3.00
C HIS A 136 18.91 4.72 -3.09
N LEU A 137 18.96 5.33 -4.28
CA LEU A 137 18.24 6.56 -4.55
C LEU A 137 16.95 6.15 -5.26
N VAL A 138 15.82 6.36 -4.59
CA VAL A 138 14.52 6.06 -5.18
C VAL A 138 14.01 7.35 -5.82
N ILE A 139 13.55 7.27 -7.06
CA ILE A 139 13.08 8.44 -7.82
C ILE A 139 11.63 8.22 -8.24
N LEU A 140 10.73 9.02 -7.71
CA LEU A 140 9.30 8.94 -8.05
C LEU A 140 8.95 10.12 -8.94
N ARG A 141 8.13 9.85 -9.96
CA ARG A 141 7.68 10.86 -10.93
C ARG A 141 6.18 10.74 -11.17
N HIS A 142 5.56 11.86 -11.56
CA HIS A 142 4.09 12.01 -11.53
C HIS A 142 3.28 10.97 -12.35
N ASN A 143 3.63 10.76 -13.61
CA ASN A 143 2.95 9.73 -14.43
C ASN A 143 3.90 8.67 -14.99
N LYS A 144 4.95 8.34 -14.26
CA LYS A 144 5.99 7.46 -14.77
C LYS A 144 6.38 6.41 -13.76
N ASP A 145 7.03 5.38 -14.25
CA ASP A 145 7.54 4.29 -13.42
C ASP A 145 8.60 4.83 -12.48
N GLU A 146 8.61 4.30 -11.27
CA GLU A 146 9.66 4.55 -10.31
C GLU A 146 11.01 4.10 -10.85
N LYS A 147 12.07 4.84 -10.52
CA LYS A 147 13.43 4.48 -10.88
C LYS A 147 14.25 4.36 -9.60
N ILE A 148 15.15 3.39 -9.58
CA ILE A 148 16.08 3.21 -8.46
C ILE A 148 17.51 3.17 -8.98
N VAL A 149 18.37 4.01 -8.42
CA VAL A 149 19.80 3.97 -8.74
C VAL A 149 20.59 3.71 -7.48
N SER A 150 21.54 2.78 -7.59
CA SER A 150 22.20 2.22 -6.42
C SER A 150 23.68 2.53 -6.36
N MET A 151 24.21 2.47 -5.13
CA MET A 151 25.63 2.68 -4.91
C MET A 151 26.08 1.85 -3.72
N PRO A 152 26.81 0.74 -3.97
CA PRO A 152 27.44 0.02 -2.87
C PRO A 152 28.23 1.01 -2.01
N SER A 153 28.11 0.93 -0.68
CA SER A 153 28.74 1.95 0.18
C SER A 153 30.27 1.91 0.09
N PHE A 154 30.83 0.73 -0.18
CA PHE A 154 32.27 0.57 -0.38
C PHE A 154 32.79 1.37 -1.58
N ASN A 155 31.94 1.63 -2.58
CA ASN A 155 32.35 2.37 -3.79
C ASN A 155 32.21 3.88 -3.68
N LEU A 156 31.63 4.38 -2.60
CA LEU A 156 31.28 5.77 -2.49
C LEU A 156 32.57 6.62 -2.29
N SER A 157 32.75 7.69 -3.08
CA SER A 157 33.87 8.61 -2.89
C SER A 157 33.63 9.44 -1.66
N THR A 158 34.65 9.57 -0.81
CA THR A 158 34.53 10.26 0.47
C THR A 158 35.71 11.20 0.69
N ASP A 159 35.46 12.32 1.35
CA ASP A 159 36.52 13.27 1.70
C ASP A 159 37.31 12.91 2.98
N GLN A 160 36.75 12.00 3.79
CA GLN A 160 37.39 11.47 5.00
C GLN A 160 37.14 9.97 4.99
N GLU A 161 37.91 9.20 5.75
CA GLU A 161 37.73 7.76 5.81
C GLU A 161 36.65 7.42 6.84
N TYR A 162 35.65 6.65 6.43
CA TYR A 162 34.53 6.26 7.30
C TYR A 162 34.49 4.75 7.49
N VAL A 163 34.05 4.35 8.69
CA VAL A 163 33.69 2.97 9.00
C VAL A 163 32.30 2.67 8.43
N GLN A 164 31.37 3.60 8.63
CA GLN A 164 29.98 3.43 8.20
C GLN A 164 29.33 4.79 8.05
N ILE A 165 28.38 4.87 7.13
CA ILE A 165 27.65 6.09 6.81
C ILE A 165 26.17 5.72 6.62
N ILE A 166 25.27 6.47 7.24
CA ILE A 166 23.83 6.31 7.02
C ILE A 166 23.16 7.61 6.66
N PRO A 167 22.06 7.57 5.89
CA PRO A 167 21.28 8.79 5.66
C PRO A 167 20.70 9.34 6.99
N ALA A 168 20.55 10.65 7.10
CA ALA A 168 20.16 11.29 8.38
C ALA A 168 18.70 11.66 8.49
N GLU A 169 17.88 11.20 7.54
CA GLU A 169 16.41 11.07 7.68
C GLU A 169 15.55 12.35 7.50
N GLY A 170 15.91 13.47 8.11
CA GLY A 170 15.00 14.62 8.22
C GLY A 170 14.63 15.22 6.88
N GLY A 171 15.58 15.25 5.96
CA GLY A 171 15.31 15.72 4.60
C GLY A 171 16.54 16.34 4.00
N GLY A 172 16.51 16.46 2.68
CA GLY A 172 17.60 17.08 1.92
C GLY A 172 17.04 18.17 1.01
N THR A 173 17.88 18.70 0.14
CA THR A 173 17.46 19.74 -0.79
C THR A 173 18.19 19.60 -2.12
N ALA A 174 17.56 20.06 -3.18
CA ALA A 174 18.18 20.11 -4.51
C ALA A 174 18.58 21.55 -4.80
N GLU A 175 19.86 21.79 -5.10
CA GLU A 175 20.41 23.11 -5.50
C GLU A 175 21.51 22.96 -6.55
N SER A 176 21.59 23.91 -7.48
CA SER A 176 22.63 23.89 -8.56
C SER A 176 22.65 22.61 -9.39
N GLY A 177 21.48 22.01 -9.57
CA GLY A 177 21.33 20.72 -10.26
C GLY A 177 21.79 19.49 -9.49
N ASN A 178 22.10 19.65 -8.20
CA ASN A 178 22.61 18.55 -7.39
C ASN A 178 21.62 18.22 -6.27
N LEU A 179 21.67 16.98 -5.79
CA LEU A 179 20.88 16.60 -4.62
C LEU A 179 21.83 16.60 -3.43
N TYR A 180 21.39 17.14 -2.29
CA TYR A 180 22.19 17.17 -1.08
C TYR A 180 21.40 16.51 0.04
N PHE A 181 21.86 15.34 0.49
CA PHE A 181 21.20 14.59 1.57
C PHE A 181 22.11 14.57 2.80
N PRO A 182 21.56 14.94 3.97
CA PRO A 182 22.37 14.80 5.16
C PRO A 182 22.62 13.32 5.49
N CYS A 183 23.78 13.05 6.07
CA CYS A 183 24.16 11.72 6.52
C CYS A 183 24.80 11.82 7.91
N ILE A 184 24.99 10.65 8.53
CA ILE A 184 25.71 10.48 9.77
C ILE A 184 26.77 9.42 9.53
N GLY A 185 28.01 9.66 9.91
CA GLY A 185 29.03 8.62 9.74
C GLY A 185 29.89 8.46 10.94
N ARG A 186 30.51 7.30 11.02
CA ARG A 186 31.52 7.02 12.02
C ARG A 186 32.89 7.08 11.34
N LEU A 187 33.71 8.00 11.79
CA LEU A 187 35.05 8.22 11.20
C LEU A 187 36.00 7.10 11.58
N LEU A 188 36.83 6.67 10.62
CA LEU A 188 37.84 5.66 10.88
C LEU A 188 38.88 6.18 11.84
N HIS A 189 39.31 7.43 11.62
CA HIS A 189 40.30 8.07 12.45
C HIS A 189 39.73 9.25 13.23
N LYS A 190 40.48 9.73 14.21
CA LYS A 190 39.98 10.74 15.12
C LYS A 190 40.23 12.14 14.58
N ARG A 191 39.45 12.50 13.58
CA ARG A 191 39.63 13.76 12.86
C ARG A 191 39.00 14.94 13.59
N VAL A 192 38.09 14.69 14.53
CA VAL A 192 37.65 15.77 15.39
C VAL A 192 38.72 15.93 16.46
N THR A 193 39.40 17.08 16.42
CA THR A 193 40.46 17.39 17.38
C THR A 193 40.25 18.69 18.17
N HIS A 194 39.47 19.61 17.63
CA HIS A 194 39.24 20.90 18.29
C HIS A 194 37.77 21.23 18.10
N PRO A 195 36.89 20.44 18.76
CA PRO A 195 35.47 20.62 18.53
C PRO A 195 34.92 21.92 19.07
N LEU A 196 33.84 22.38 18.43
CA LEU A 196 33.07 23.49 18.94
C LEU A 196 32.63 23.19 20.36
N CYS A 197 32.82 24.14 21.25
CA CYS A 197 32.48 23.90 22.65
C CYS A 197 31.74 25.12 23.15
N LYS A 198 31.71 25.38 24.44
CA LYS A 198 30.93 26.51 24.98
CA LYS A 198 30.93 26.51 24.98
C LYS A 198 31.89 27.69 25.18
N LYS A 199 31.50 28.84 24.64
CA LYS A 199 32.38 30.01 24.67
C LYS A 199 32.66 30.47 26.09
N SER A 200 31.60 30.66 26.87
CA SER A 200 31.76 30.84 28.32
C SER A 200 31.83 29.47 28.98
N ASN A 201 33.01 28.86 29.10
CA ASN A 201 33.11 27.49 29.64
C ASN A 201 32.70 27.42 31.11
N CYS A 202 32.03 26.33 31.47
CA CYS A 202 31.53 26.14 32.83
C CYS A 202 32.59 25.55 33.75
N SER A 203 33.61 24.89 33.17
CA SER A 203 34.66 24.22 33.92
C SER A 203 35.91 24.12 33.04
N ARG A 204 37.01 23.80 33.70
CA ARG A 204 38.27 23.58 33.02
C ARG A 204 38.35 22.27 32.22
N THR A 205 37.36 21.38 32.37
CA THR A 205 37.34 20.15 31.59
C THR A 205 36.31 20.16 30.46
N ASP A 206 35.74 21.33 30.14
CA ASP A 206 34.72 21.40 29.10
C ASP A 206 35.24 20.89 27.76
N ASP A 207 36.47 21.25 27.38
CA ASP A 207 36.99 20.79 26.06
C ASP A 207 37.06 19.28 25.97
N GLU A 208 37.45 18.63 27.06
CA GLU A 208 37.51 17.17 27.13
C GLU A 208 36.08 16.59 26.96
N SER A 209 35.10 17.17 27.65
CA SER A 209 33.71 16.72 27.51
C SER A 209 33.22 16.91 26.09
N CYS A 210 33.53 18.06 25.51
CA CYS A 210 33.10 18.32 24.13
C CYS A 210 33.65 17.30 23.13
N LEU A 211 34.89 16.90 23.33
CA LEU A 211 35.52 15.88 22.47
C LEU A 211 34.95 14.46 22.74
N LYS A 212 34.81 14.11 24.00
CA LYS A 212 34.23 12.78 24.37
C LYS A 212 32.79 12.60 23.92
N SER A 213 32.09 13.71 23.73
CA SER A 213 30.71 13.71 23.25
C SER A 213 30.54 13.12 21.85
N TYR A 214 31.64 12.98 21.10
CA TYR A 214 31.58 12.39 19.76
C TYR A 214 31.63 10.87 19.77
N TYR A 215 31.74 10.25 20.93
CA TYR A 215 31.63 8.79 21.05
C TYR A 215 30.40 8.45 21.84
N ASN A 216 29.97 7.20 21.73
CA ASN A 216 28.80 6.75 22.50
C ASN A 216 28.83 5.24 22.68
N GLN A 217 27.78 4.67 23.30
CA GLN A 217 27.84 3.24 23.58
C GLN A 217 27.87 2.35 22.33
N GLY A 218 27.30 2.86 21.23
CA GLY A 218 27.30 2.17 19.95
C GLY A 218 28.62 2.27 19.23
N SER A 219 29.32 3.38 19.47
CA SER A 219 30.60 3.67 18.82
C SER A 219 31.58 4.24 19.84
N PRO A 220 32.11 3.38 20.73
CA PRO A 220 33.00 3.90 21.75
C PRO A 220 34.36 4.36 21.27
N GLN A 221 34.79 3.88 20.11
CA GLN A 221 36.14 4.16 19.59
C GLN A 221 36.15 4.90 18.26
N HIS A 222 35.00 5.24 17.69
CA HIS A 222 34.94 5.98 16.44
C HIS A 222 34.00 7.18 16.55
N GLN A 223 34.51 8.33 16.14
CA GLN A 223 33.75 9.59 16.26
C GLN A 223 32.57 9.63 15.32
N VAL A 224 31.44 10.10 15.85
CA VAL A 224 30.18 10.13 15.10
C VAL A 224 29.89 11.57 14.67
N VAL A 225 29.83 11.79 13.37
CA VAL A 225 29.77 13.16 12.79
C VAL A 225 28.73 13.32 11.71
N ASN A 226 28.33 14.57 11.47
CA ASN A 226 27.47 14.93 10.36
C ASN A 226 28.25 14.95 9.04
N CYS A 227 27.60 14.49 7.98
CA CYS A 227 28.15 14.58 6.63
C CYS A 227 27.01 14.86 5.68
N LEU A 228 27.31 15.01 4.39
CA LEU A 228 26.28 14.97 3.42
C LEU A 228 26.70 14.15 2.22
N ILE A 229 25.70 13.68 1.49
CA ILE A 229 25.88 12.95 0.26
C ILE A 229 25.37 13.88 -0.83
N ARG A 230 26.25 14.22 -1.77
CA ARG A 230 25.91 15.06 -2.90
C ARG A 230 25.82 14.15 -4.10
N ILE A 231 24.71 14.20 -4.83
CA ILE A 231 24.57 13.41 -6.05
C ILE A 231 24.39 14.40 -7.21
N ARG A 232 25.31 14.34 -8.17
CA ARG A 232 25.25 15.17 -9.38
C ARG A 232 24.81 14.27 -10.52
N ASN A 233 24.15 14.85 -11.52
CA ASN A 233 23.66 14.06 -12.66
C ASN A 233 22.67 12.99 -12.22
N ALA A 234 21.78 13.36 -11.30
CA ALA A 234 20.83 12.39 -10.72
C ALA A 234 19.82 11.87 -11.76
N GLN A 235 19.60 12.65 -12.83
CA GLN A 235 18.71 12.27 -13.93
C GLN A 235 19.42 11.44 -15.01
N ARG A 236 20.73 11.20 -14.87
CA ARG A 236 21.46 10.35 -15.80
C ARG A 236 21.48 8.91 -15.34
N ASP A 237 21.79 8.00 -16.25
CA ASP A 237 21.91 6.57 -15.93
C ASP A 237 22.94 6.30 -14.84
N ASN A 238 24.07 7.02 -14.90
CA ASN A 238 25.16 6.90 -13.93
C ASN A 238 25.50 8.24 -13.24
N PRO A 239 24.75 8.61 -12.18
CA PRO A 239 25.07 9.83 -11.44
C PRO A 239 26.44 9.76 -10.73
N THR A 240 26.94 10.90 -10.27
CA THR A 240 28.19 11.00 -9.49
CA THR A 240 28.18 10.94 -9.47
C THR A 240 27.85 11.23 -8.00
N TRP A 241 28.39 10.39 -7.11
CA TRP A 241 28.12 10.46 -5.68
C TRP A 241 29.38 10.85 -4.92
N ASP A 242 29.26 11.79 -3.96
CA ASP A 242 30.38 12.18 -3.10
C ASP A 242 29.89 12.36 -1.67
N VAL A 243 30.71 11.99 -0.71
CA VAL A 243 30.45 12.31 0.71
C VAL A 243 31.29 13.50 1.12
N ILE A 244 30.64 14.51 1.69
CA ILE A 244 31.29 15.71 2.20
C ILE A 244 31.06 15.78 3.69
N THR A 245 32.14 15.93 4.44
CA THR A 245 32.11 15.93 5.89
C THR A 245 31.93 17.36 6.38
N VAL A 246 31.11 17.52 7.41
CA VAL A 246 30.91 18.84 8.00
C VAL A 246 32.23 19.43 8.52
N ASP A 247 32.28 20.74 8.65
CA ASP A 247 33.42 21.39 9.29
C ASP A 247 33.56 20.86 10.72
N LEU A 248 34.63 20.10 10.96
CA LEU A 248 34.79 19.40 12.24
C LEU A 248 35.18 20.33 13.39
N THR A 249 35.45 21.61 13.12
CA THR A 249 35.65 22.61 14.13
C THR A 249 34.41 23.42 14.45
N ASN A 250 33.30 23.14 13.77
CA ASN A 250 32.11 23.95 13.89
C ASN A 250 30.82 23.15 13.86
N THR A 251 30.83 22.05 14.59
CA THR A 251 29.71 21.10 14.54
C THR A 251 29.41 20.56 15.94
N TYR A 252 28.43 19.66 15.97
CA TYR A 252 28.03 18.95 17.17
C TYR A 252 27.93 17.48 16.83
N PRO A 253 27.99 16.60 17.83
CA PRO A 253 27.94 15.15 17.53
C PRO A 253 26.84 14.73 16.58
N GLY A 254 27.21 13.86 15.65
CA GLY A 254 26.39 13.56 14.47
C GLY A 254 25.03 12.98 14.85
N SER A 255 23.99 13.43 14.15
CA SER A 255 22.63 13.14 14.59
C SER A 255 21.65 13.34 13.49
N ARG A 256 20.43 12.86 13.73
CA ARG A 256 19.31 13.08 12.78
C ARG A 256 19.17 14.56 12.45
N SER A 257 19.17 14.88 11.15
CA SER A 257 19.31 16.26 10.68
C SER A 257 18.53 16.47 9.39
N ARG A 258 18.43 17.72 8.98
CA ARG A 258 17.72 18.10 7.77
C ARG A 258 18.45 19.24 7.10
N ILE A 259 18.68 19.09 5.80
CA ILE A 259 19.15 20.18 4.98
C ILE A 259 17.93 20.68 4.22
N PHE A 260 17.60 21.95 4.43
CA PHE A 260 16.39 22.54 3.86
C PHE A 260 16.68 23.88 3.22
N GLY A 261 15.71 24.38 2.48
CA GLY A 261 15.84 25.64 1.74
C GLY A 261 15.14 26.76 2.48
N SER A 262 15.78 27.93 2.49
CA SER A 262 15.14 29.18 2.84
C SER A 262 15.35 30.14 1.66
N PHE A 263 14.29 30.36 0.88
CA PHE A 263 14.34 31.26 -0.29
C PHE A 263 15.56 30.99 -1.14
N SER A 264 15.69 29.70 -1.53
CA SER A 264 16.74 29.19 -2.42
CA SER A 264 16.73 29.18 -2.42
C SER A 264 18.15 29.07 -1.81
N LYS A 265 18.29 29.32 -0.52
CA LYS A 265 19.59 29.22 0.15
C LYS A 265 19.57 28.08 1.18
N PRO A 266 20.70 27.39 1.36
CA PRO A 266 20.67 26.13 2.14
C PRO A 266 20.76 26.37 3.63
N MET A 267 20.02 25.55 4.38
CA MET A 267 19.94 25.65 5.83
C MET A 267 20.15 24.23 6.43
N LEU A 268 20.66 24.20 7.66
CA LEU A 268 20.75 22.95 8.43
C LEU A 268 19.95 23.04 9.72
N TYR A 269 19.13 22.02 9.99
CA TYR A 269 18.62 21.75 11.31
C TYR A 269 19.30 20.48 11.78
N GLN A 270 19.87 20.50 12.99
CA GLN A 270 20.54 19.34 13.54
C GLN A 270 19.97 19.02 14.91
N SER A 271 19.41 17.82 15.10
CA SER A 271 18.88 17.47 16.42
C SER A 271 20.00 17.51 17.43
N SER A 272 19.69 17.91 18.66
CA SER A 272 20.65 17.98 19.73
C SER A 272 20.67 16.70 20.57
N VAL A 273 21.72 15.91 20.40
CA VAL A 273 21.92 14.66 21.15
C VAL A 273 22.94 14.85 22.27
N SER A 274 23.62 16.00 22.32
CA SER A 274 24.70 16.20 23.25
C SER A 274 24.31 17.17 24.39
N TRP A 275 25.30 17.51 25.19
CA TRP A 275 25.23 18.54 26.20
C TRP A 275 24.62 19.83 25.63
N HIS A 276 24.84 20.09 24.34
CA HIS A 276 24.37 21.31 23.74
C HIS A 276 22.92 21.11 23.33
N THR A 277 22.03 21.24 24.30
CA THR A 277 20.63 20.86 24.10
C THR A 277 19.81 21.95 23.43
N LEU A 278 20.34 23.17 23.33
CA LEU A 278 19.60 24.23 22.67
C LEU A 278 19.50 24.00 21.18
N LEU A 279 18.49 24.62 20.60
CA LEU A 279 18.23 24.52 19.17
C LEU A 279 19.45 24.81 18.28
N GLN A 280 19.72 23.88 17.36
CA GLN A 280 20.85 23.94 16.44
C GLN A 280 20.34 24.15 15.02
N VAL A 281 20.38 25.41 14.58
CA VAL A 281 19.98 25.80 13.24
CA VAL A 281 20.00 25.78 13.23
C VAL A 281 21.08 26.67 12.64
N ALA A 282 21.47 26.37 11.40
CA ALA A 282 22.55 27.11 10.74
C ALA A 282 22.18 27.50 9.32
N GLU A 283 22.71 28.62 8.84
CA GLU A 283 22.80 28.86 7.40
C GLU A 283 24.00 28.05 6.94
N ILE A 284 23.86 27.33 5.84
CA ILE A 284 24.98 26.63 5.25
C ILE A 284 25.63 27.62 4.29
N THR A 285 26.80 28.11 4.65
CA THR A 285 27.48 29.17 3.90
C THR A 285 28.21 28.64 2.67
N ASP A 286 28.53 27.35 2.66
CA ASP A 286 29.12 26.68 1.52
C ASP A 286 28.75 25.21 1.58
N LEU A 287 27.81 24.83 0.75
CA LEU A 287 27.25 23.48 0.75
C LEU A 287 28.29 22.46 0.35
N ASP A 288 29.08 22.76 -0.69
CA ASP A 288 30.07 21.80 -1.18
C ASP A 288 31.28 21.63 -0.26
N LYS A 289 31.46 22.52 0.72
CA LYS A 289 32.45 22.31 1.76
C LYS A 289 31.78 22.11 3.15
N TYR A 290 30.45 21.99 3.16
CA TYR A 290 29.64 21.86 4.39
C TYR A 290 30.12 22.75 5.55
N GLN A 291 30.15 24.05 5.25
CA GLN A 291 30.50 25.09 6.22
C GLN A 291 29.25 25.75 6.73
N LEU A 292 29.29 26.17 7.99
CA LEU A 292 28.10 26.60 8.73
C LEU A 292 28.23 27.94 9.42
N ASP A 293 27.11 28.67 9.45
CA ASP A 293 26.94 29.82 10.32
C ASP A 293 25.80 29.52 11.29
N TRP A 294 26.13 29.10 12.52
CA TRP A 294 25.08 28.79 13.50
C TRP A 294 24.33 30.06 13.89
N LEU A 295 23.00 29.98 13.93
CA LEU A 295 22.18 31.15 14.29
C LEU A 295 21.84 31.14 15.77
N ASP A 296 21.71 32.35 16.31
CA ASP A 296 21.18 32.51 17.66
C ASP A 296 19.72 32.08 17.71
N THR A 297 19.29 31.64 18.89
CA THR A 297 17.92 31.20 19.09
C THR A 297 17.43 31.68 20.46
N PRO A 298 16.11 31.70 20.66
CA PRO A 298 15.55 31.81 22.01
C PRO A 298 15.65 30.47 22.76
N TYR A 299 14.98 30.40 23.92
CA TYR A 299 15.05 29.22 24.77
C TYR A 299 14.13 28.14 24.23
N ILE A 300 14.63 27.45 23.19
CA ILE A 300 13.93 26.36 22.55
C ILE A 300 14.91 25.18 22.53
N SER A 301 14.46 24.05 23.04
CA SER A 301 15.33 22.89 23.21
C SER A 301 14.48 21.62 22.93
N ARG A 302 14.76 20.55 23.65
CA ARG A 302 14.06 19.26 23.49
C ARG A 302 14.20 18.48 24.80
N PRO A 303 13.27 17.57 25.04
CA PRO A 303 13.43 16.73 26.21
C PRO A 303 14.63 15.79 26.09
N GLY A 304 15.26 15.50 27.20
CA GLY A 304 16.41 14.64 27.27
C GLY A 304 16.26 13.61 28.37
N GLY A 305 17.38 13.25 28.96
CA GLY A 305 17.44 12.38 30.13
C GLY A 305 17.89 13.20 31.31
N SER A 306 18.37 12.51 32.34
CA SER A 306 18.82 13.18 33.54
C SER A 306 20.06 14.04 33.35
N GLU A 307 20.94 13.63 32.44
CA GLU A 307 22.21 14.30 32.25
C GLU A 307 22.07 15.55 31.37
N CYS A 308 21.27 15.43 30.31
CA CYS A 308 21.06 16.50 29.32
C CYS A 308 19.60 16.76 29.08
N PRO A 309 18.88 17.24 30.10
CA PRO A 309 17.49 17.58 29.93
C PRO A 309 17.34 18.89 29.13
N PHE A 310 16.10 19.19 28.78
CA PHE A 310 15.75 20.42 28.07
C PHE A 310 16.49 21.58 28.75
N GLY A 311 17.28 22.29 27.95
CA GLY A 311 17.86 23.57 28.39
C GLY A 311 19.21 23.43 29.03
N ASN A 312 19.77 22.23 29.11
CA ASN A 312 21.13 22.10 29.60
C ASN A 312 22.06 22.93 28.70
N TYR A 313 22.95 23.67 29.34
CA TYR A 313 23.89 24.60 28.67
C TYR A 313 25.36 24.14 28.83
N CYS A 314 25.71 23.48 29.94
CA CYS A 314 27.14 23.16 30.23
C CYS A 314 27.61 21.86 29.61
N PRO A 315 28.83 21.87 29.02
CA PRO A 315 29.40 20.63 28.53
C PRO A 315 29.44 19.46 29.53
N THR A 316 29.13 18.30 29.00
CA THR A 316 29.09 17.03 29.70
C THR A 316 29.00 15.97 28.58
N VAL A 317 28.88 14.70 28.94
CA VAL A 317 28.82 13.60 27.96
C VAL A 317 27.47 12.90 28.09
N CYS A 318 26.71 12.95 27.02
CA CYS A 318 25.43 12.25 26.96
C CYS A 318 25.11 11.96 25.51
N TRP A 319 24.09 11.15 25.28
CA TRP A 319 23.65 10.86 23.91
C TRP A 319 22.13 10.60 23.96
N GLU A 320 21.35 11.68 23.87
CA GLU A 320 19.91 11.63 24.15
C GLU A 320 19.20 12.85 23.58
N GLY A 321 17.92 12.73 23.24
CA GLY A 321 17.16 13.81 22.65
C GLY A 321 16.20 13.36 21.61
N THR A 322 15.29 14.26 21.25
CA THR A 322 14.36 14.09 20.15
C THR A 322 14.73 15.04 19.01
N TYR A 323 14.14 14.78 17.84
CA TYR A 323 14.26 15.61 16.66
C TYR A 323 12.97 16.41 16.48
N ASN A 324 13.10 17.72 16.40
CA ASN A 324 11.97 18.64 16.24
C ASN A 324 12.50 19.82 15.42
N ASP A 325 12.29 19.73 14.10
CA ASP A 325 12.95 20.65 13.18
C ASP A 325 12.18 21.98 13.04
N VAL A 326 12.70 22.86 12.20
CA VAL A 326 12.22 24.22 12.08
C VAL A 326 12.06 24.60 10.62
N TYR A 327 11.41 25.74 10.39
CA TYR A 327 11.37 26.30 9.04
C TYR A 327 11.40 27.82 9.14
N SER A 328 12.19 28.45 8.27
CA SER A 328 12.31 29.93 8.23
C SER A 328 11.19 30.53 7.38
N LEU A 329 10.57 31.59 7.89
CA LEU A 329 9.54 32.35 7.16
C LEU A 329 10.10 33.54 6.39
N THR A 330 11.37 33.89 6.58
CA THR A 330 11.93 35.08 5.89
C THR A 330 13.28 34.82 5.23
N PRO A 331 13.60 35.54 4.12
CA PRO A 331 14.90 35.40 3.46
C PRO A 331 16.10 35.61 4.37
N ASN A 332 16.00 36.51 5.35
CA ASN A 332 17.15 36.75 6.25
C ASN A 332 17.15 35.82 7.48
N ASN A 333 16.18 34.93 7.54
CA ASN A 333 16.13 33.92 8.62
C ASN A 333 16.09 34.57 10.00
N ASP A 334 15.17 35.51 10.14
CA ASP A 334 14.92 36.19 11.40
C ASP A 334 13.54 35.85 11.95
N LEU A 335 12.85 34.90 11.32
CA LEU A 335 11.55 34.45 11.78
C LEU A 335 11.36 32.99 11.42
N PHE A 336 10.95 32.18 12.39
CA PHE A 336 10.90 30.71 12.22
C PHE A 336 9.64 30.14 12.84
N VAL A 337 9.31 28.93 12.41
CA VAL A 337 8.28 28.14 13.10
C VAL A 337 8.88 26.79 13.51
N THR A 338 8.28 26.20 14.53
CA THR A 338 8.63 24.85 14.95
C THR A 338 7.47 24.20 15.69
N VAL A 339 7.44 22.87 15.72
CA VAL A 339 6.64 22.17 16.72
C VAL A 339 7.66 21.51 17.68
N TYR A 340 7.81 22.07 18.88
CA TYR A 340 8.79 21.57 19.83
C TYR A 340 8.08 20.93 21.03
N LEU A 341 8.83 20.12 21.77
CA LEU A 341 8.30 19.40 22.92
C LEU A 341 8.67 20.15 24.18
N LYS A 342 7.68 20.73 24.84
CA LYS A 342 7.95 21.57 26.01
C LYS A 342 7.96 20.70 27.26
N SER A 343 9.09 20.01 27.44
CA SER A 343 9.20 19.00 28.47
C SER A 343 10.65 18.77 28.78
N GLU A 344 10.96 18.56 30.08
CA GLU A 344 12.35 18.35 30.48
C GLU A 344 12.89 17.00 29.99
N GLN A 345 12.10 15.94 30.16
CA GLN A 345 12.58 14.56 29.93
C GLN A 345 11.59 13.61 29.26
N VAL A 346 10.38 14.06 28.99
CA VAL A 346 9.34 13.17 28.51
C VAL A 346 9.00 13.55 27.09
N ALA A 347 8.80 12.54 26.26
CA ALA A 347 8.35 12.77 24.90
C ALA A 347 6.83 13.07 24.91
N GLU A 348 6.51 14.33 25.16
CA GLU A 348 5.11 14.78 25.22
C GLU A 348 5.05 16.30 25.12
N ASN A 349 3.83 16.82 25.10
CA ASN A 349 3.57 18.24 25.19
C ASN A 349 4.08 19.10 24.03
N PRO A 350 3.65 18.80 22.79
CA PRO A 350 4.03 19.60 21.64
C PRO A 350 3.42 21.01 21.64
N TYR A 351 4.25 21.99 21.35
CA TYR A 351 3.87 23.39 21.18
C TYR A 351 4.25 23.82 19.80
N PHE A 352 3.34 24.49 19.10
CA PHE A 352 3.71 25.25 17.93
C PHE A 352 4.27 26.56 18.42
N ALA A 353 5.37 27.02 17.83
CA ALA A 353 5.94 28.32 18.19
C ALA A 353 6.43 29.08 16.96
N ILE A 354 6.18 30.40 17.00
CA ILE A 354 6.72 31.35 16.03
C ILE A 354 7.76 32.13 16.77
N PHE A 355 8.97 32.23 16.24
CA PHE A 355 10.06 32.86 16.97
C PHE A 355 11.06 33.61 16.09
N SER A 356 11.63 34.68 16.64
CA SER A 356 12.77 35.35 16.03
C SER A 356 14.03 34.67 16.56
N ARG A 357 15.21 35.16 16.19
CA ARG A 357 16.44 34.65 16.77
C ARG A 357 16.58 34.96 18.26
N ASP A 358 15.85 35.97 18.75
CA ASP A 358 15.95 36.43 20.12
C ASP A 358 14.80 36.06 21.04
N GLN A 359 13.61 35.85 20.50
CA GLN A 359 12.43 35.62 21.33
C GLN A 359 11.42 34.72 20.70
N ILE A 360 10.69 34.00 21.54
CA ILE A 360 9.46 33.34 21.14
C ILE A 360 8.40 34.42 21.07
N LEU A 361 7.78 34.58 19.91
CA LEU A 361 6.80 35.65 19.70
C LEU A 361 5.38 35.19 19.99
N LYS A 362 5.12 33.91 19.75
CA LYS A 362 3.84 33.31 20.05
C LYS A 362 4.02 31.82 20.11
N GLU A 363 3.42 31.18 21.11
CA GLU A 363 3.39 29.72 21.16
C GLU A 363 2.16 29.24 21.87
N PHE A 364 1.80 27.99 21.63
CA PHE A 364 0.65 27.37 22.27
C PHE A 364 0.71 25.87 22.18
N PRO A 365 0.11 25.16 23.15
CA PRO A 365 0.09 23.71 23.06
C PRO A 365 -0.90 23.25 22.00
N LEU A 366 -0.64 22.11 21.39
CA LEU A 366 -1.54 21.51 20.43
C LEU A 366 -2.53 20.62 21.17
N ASP A 367 -3.31 19.83 20.43
CA ASP A 367 -4.41 19.06 21.01
C ASP A 367 -4.10 18.24 22.27
N ALA A 368 -4.91 18.45 23.31
CA ALA A 368 -4.72 17.79 24.62
C ALA A 368 -4.83 16.26 24.55
N TRP A 369 -5.52 15.73 23.54
CA TRP A 369 -5.63 14.28 23.32
C TRP A 369 -4.37 13.59 22.75
N ILE A 370 -3.36 14.35 22.39
CA ILE A 370 -2.04 13.75 22.04
C ILE A 370 -1.43 13.15 23.31
N SER A 371 -1.27 11.83 23.35
CA SER A 371 -0.74 11.17 24.56
C SER A 371 0.77 11.30 24.66
N SER A 372 1.43 11.19 23.50
CA SER A 372 2.85 11.40 23.44
C SER A 372 3.22 11.91 22.06
N ALA A 373 4.43 12.47 21.97
CA ALA A 373 4.93 13.00 20.71
C ALA A 373 6.44 12.91 20.73
N ARG A 374 7.05 12.58 19.60
CA ARG A 374 8.51 12.40 19.56
C ARG A 374 9.06 13.21 18.38
N THR A 375 9.29 12.60 17.24
CA THR A 375 9.78 13.30 16.08
C THR A 375 8.72 14.24 15.51
N THR A 376 9.09 15.50 15.27
CA THR A 376 8.22 16.42 14.53
C THR A 376 8.98 17.13 13.43
N THR A 377 8.25 17.50 12.40
CA THR A 377 8.83 18.16 11.25
C THR A 377 7.82 19.15 10.66
N ILE A 378 8.33 20.24 10.12
CA ILE A 378 7.48 21.32 9.62
C ILE A 378 8.08 21.95 8.36
N SER A 379 7.19 22.28 7.41
CA SER A 379 7.61 22.91 6.17
C SER A 379 6.58 23.98 5.84
N CYS A 380 7.02 25.09 5.27
CA CYS A 380 6.12 26.20 4.92
C CYS A 380 6.20 26.55 3.46
N PHE A 381 5.14 27.19 2.97
CA PHE A 381 4.98 27.41 1.53
C PHE A 381 3.91 28.47 1.29
N MET A 382 3.89 29.00 0.07
CA MET A 382 2.81 29.90 -0.36
C MET A 382 1.68 29.08 -0.94
N PHE A 383 0.47 29.44 -0.53
CA PHE A 383 -0.74 28.74 -0.96
C PHE A 383 -1.88 29.77 -1.06
N ASN A 384 -2.42 29.96 -2.26
CA ASN A 384 -3.46 31.00 -2.50
C ASN A 384 -3.00 32.37 -1.98
N ASN A 385 -1.76 32.73 -2.28
CA ASN A 385 -1.14 33.98 -1.83
CA ASN A 385 -1.16 34.00 -1.84
C ASN A 385 -1.15 34.19 -0.30
N GLU A 386 -1.17 33.10 0.46
CA GLU A 386 -1.18 33.10 1.93
C GLU A 386 0.01 32.26 2.40
N ILE A 387 0.55 32.59 3.57
CA ILE A 387 1.67 31.82 4.17
C ILE A 387 1.07 30.69 4.99
N TRP A 388 1.40 29.46 4.63
CA TRP A 388 0.96 28.28 5.38
C TRP A 388 2.15 27.38 5.73
N CYS A 389 1.98 26.64 6.81
CA CYS A 389 2.95 25.61 7.22
C CYS A 389 2.23 24.32 7.53
N ILE A 390 2.82 23.20 7.11
CA ILE A 390 2.31 21.91 7.47
C ILE A 390 3.35 21.21 8.37
N ALA A 391 2.89 20.68 9.50
CA ALA A 391 3.70 19.87 10.41
C ALA A 391 3.21 18.42 10.41
N ALA A 392 4.15 17.48 10.43
CA ALA A 392 3.88 16.08 10.72
C ALA A 392 4.44 15.76 12.10
N LEU A 393 3.61 15.19 12.95
CA LEU A 393 4.01 14.84 14.31
C LEU A 393 3.90 13.35 14.47
N GLU A 394 4.99 12.73 14.94
CA GLU A 394 5.02 11.34 15.33
C GLU A 394 4.42 11.25 16.72
N ILE A 395 3.19 10.73 16.81
CA ILE A 395 2.47 10.71 18.08
C ILE A 395 1.85 9.37 18.41
N THR A 396 1.39 9.27 19.66
CA THR A 396 0.41 8.24 20.02
C THR A 396 -0.81 8.91 20.62
N ARG A 397 -1.92 8.19 20.56
CA ARG A 397 -3.22 8.58 21.13
C ARG A 397 -3.75 7.41 21.93
N LEU A 398 -4.68 7.69 22.85
CA LEU A 398 -5.25 6.68 23.72
C LEU A 398 -4.15 5.83 24.44
N ASN A 399 -3.19 6.48 25.10
CA ASN A 399 -2.12 5.75 25.86
C ASN A 399 -1.43 4.60 25.09
N ASP A 400 -0.90 4.92 23.94
CA ASP A 400 -0.21 3.97 23.05
C ASP A 400 -1.11 2.99 22.28
N ASP A 401 -2.42 3.06 22.45
CA ASP A 401 -3.31 2.22 21.63
C ASP A 401 -3.27 2.55 20.15
N ILE A 402 -3.14 3.83 19.81
CA ILE A 402 -3.11 4.27 18.42
C ILE A 402 -1.78 4.99 18.15
N ILE A 403 -0.90 4.33 17.38
CA ILE A 403 0.43 4.91 17.06
C ILE A 403 0.51 5.16 15.56
N ARG A 404 0.40 6.42 15.21
CA ARG A 404 0.59 6.89 13.84
C ARG A 404 0.65 8.40 13.83
N PRO A 405 1.26 9.00 12.80
CA PRO A 405 1.40 10.44 12.78
C PRO A 405 0.10 11.22 12.59
N ILE A 406 0.08 12.46 13.07
CA ILE A 406 -0.98 13.39 12.71
C ILE A 406 -0.33 14.56 11.98
N TYR A 407 -1.19 15.31 11.28
CA TYR A 407 -0.72 16.42 10.45
C TYR A 407 -1.59 17.66 10.66
N TYR A 408 -0.95 18.82 10.71
CA TYR A 408 -1.62 20.11 10.94
C TYR A 408 -1.19 21.10 9.88
N SER A 409 -2.13 21.96 9.47
CA SER A 409 -1.89 23.10 8.57
C SER A 409 -2.07 24.38 9.38
N PHE A 410 -1.05 25.23 9.38
CA PHE A 410 -1.05 26.48 10.13
C PHE A 410 -1.07 27.63 9.16
N TRP A 411 -1.99 28.59 9.39
CA TRP A 411 -2.10 29.77 8.56
C TRP A 411 -1.41 30.91 9.30
N LEU A 412 -0.33 31.43 8.70
CA LEU A 412 0.48 32.48 9.32
C LEU A 412 0.04 33.83 8.73
N PRO A 413 -0.44 34.75 9.58
CA PRO A 413 -0.93 36.02 9.07
C PRO A 413 0.18 36.94 8.55
N THR A 414 -0.18 37.80 7.60
CA THR A 414 0.71 38.85 7.09
C THR A 414 0.30 40.27 7.54
N ASP A 415 -0.93 40.43 8.05
CA ASP A 415 -1.47 41.70 8.52
C ASP A 415 -1.67 41.59 10.03
N CYS A 416 -0.84 42.28 10.81
CA CYS A 416 -0.91 42.17 12.28
C CYS A 416 -2.19 42.75 12.92
N ARG A 417 -2.86 43.67 12.23
CA ARG A 417 -4.11 44.27 12.72
C ARG A 417 -5.31 43.37 12.49
N THR A 418 -5.50 42.95 11.23
CA THR A 418 -6.58 42.04 10.84
C THR A 418 -5.97 40.78 10.23
N PRO A 419 -5.56 39.82 11.09
CA PRO A 419 -4.82 38.64 10.63
C PRO A 419 -5.56 37.72 9.67
N TYR A 420 -6.84 37.45 9.92
CA TYR A 420 -7.64 36.51 9.14
C TYR A 420 -8.95 37.15 8.63
N PRO A 421 -8.96 37.70 7.39
CA PRO A 421 -10.15 38.43 6.91
C PRO A 421 -11.47 37.67 6.99
N HIS A 422 -11.54 36.49 6.36
CA HIS A 422 -12.74 35.66 6.36
C HIS A 422 -12.63 34.62 7.47
N PRO B 7 -39.50 7.73 -25.40
CA PRO B 7 -38.63 8.84 -25.77
C PRO B 7 -37.19 8.40 -26.13
N SER B 8 -36.52 9.23 -26.92
CA SER B 8 -35.20 8.93 -27.49
C SER B 8 -34.07 9.28 -26.48
N PRO B 9 -33.07 8.38 -26.27
CA PRO B 9 -31.99 8.75 -25.34
C PRO B 9 -31.09 9.86 -25.86
N CYS B 10 -30.64 10.73 -24.95
CA CYS B 10 -29.67 11.76 -25.28
C CYS B 10 -28.34 11.15 -25.71
N ARG B 11 -27.74 11.70 -26.76
CA ARG B 11 -26.42 11.30 -27.27
C ARG B 11 -25.33 12.35 -27.08
N ASN B 12 -25.68 13.52 -26.56
CA ASN B 12 -24.75 14.64 -26.45
C ASN B 12 -24.76 15.15 -25.01
N PHE B 13 -23.62 14.98 -24.32
CA PHE B 13 -23.51 15.23 -22.89
C PHE B 13 -22.75 16.51 -22.52
N SER B 14 -22.62 17.44 -23.47
CA SER B 14 -22.05 18.77 -23.20
C SER B 14 -22.76 19.51 -22.06
N SER B 15 -24.09 19.44 -22.04
CA SER B 15 -24.89 20.05 -20.97
C SER B 15 -25.41 19.00 -19.97
N VAL B 16 -24.66 17.93 -19.77
CA VAL B 16 -24.98 16.86 -18.83
C VAL B 16 -23.69 16.54 -18.07
N PRO B 17 -23.33 17.39 -17.09
CA PRO B 17 -22.06 17.16 -16.38
C PRO B 17 -22.10 15.91 -15.50
N THR B 18 -23.29 15.53 -15.04
CA THR B 18 -23.47 14.41 -14.14
C THR B 18 -24.54 13.47 -14.66
N ILE B 19 -24.26 12.17 -14.62
CA ILE B 19 -25.30 11.15 -14.77
C ILE B 19 -25.76 10.81 -13.35
N TYR B 20 -27.08 10.80 -13.15
CA TYR B 20 -27.66 10.49 -11.84
C TYR B 20 -27.68 8.97 -11.70
N TYR B 21 -27.06 8.48 -10.63
CA TYR B 21 -27.12 7.07 -10.31
C TYR B 21 -27.14 6.84 -8.81
N TYR B 22 -27.69 5.69 -8.44
CA TYR B 22 -28.02 5.38 -7.04
C TYR B 22 -27.61 3.96 -6.75
N ARG B 23 -26.93 3.74 -5.63
CA ARG B 23 -26.68 2.38 -5.16
C ARG B 23 -27.97 1.84 -4.59
N ILE B 24 -28.33 0.62 -4.98
CA ILE B 24 -29.57 0.00 -4.50
C ILE B 24 -29.20 -1.23 -3.69
N PRO B 25 -30.05 -1.62 -2.71
CA PRO B 25 -29.64 -2.71 -1.83
C PRO B 25 -29.61 -4.06 -2.54
N GLY B 26 -28.83 -4.98 -1.99
CA GLY B 26 -28.86 -6.37 -2.40
C GLY B 26 -30.17 -7.02 -2.03
N LEU B 27 -30.40 -8.23 -2.53
CA LEU B 27 -31.73 -8.87 -2.46
C LEU B 27 -32.07 -9.44 -1.08
N TYR B 28 -31.05 -9.68 -0.27
CA TYR B 28 -31.24 -10.05 1.13
C TYR B 28 -30.08 -9.55 1.98
N ASN B 29 -30.32 -9.55 3.28
CA ASN B 29 -29.29 -9.28 4.27
C ASN B 29 -29.42 -10.33 5.38
N ARG B 30 -28.29 -10.68 5.99
CA ARG B 30 -28.24 -11.69 7.03
C ARG B 30 -27.19 -11.30 8.06
N THR B 31 -27.26 -11.91 9.23
CA THR B 31 -26.16 -11.83 10.19
C THR B 31 -24.95 -12.55 9.61
N ALA B 32 -23.77 -12.00 9.87
CA ALA B 32 -22.51 -12.54 9.38
C ALA B 32 -22.55 -12.79 7.87
N LEU B 33 -23.07 -11.81 7.13
CA LEU B 33 -23.00 -11.85 5.68
C LEU B 33 -21.54 -11.61 5.25
N ASP B 34 -20.81 -10.83 6.04
CA ASP B 34 -19.38 -10.59 5.81
C ASP B 34 -18.50 -11.85 5.97
N GLU B 35 -19.02 -12.88 6.64
CA GLU B 35 -18.42 -14.23 6.67
C GLU B 35 -18.79 -15.13 5.47
N ARG B 36 -19.50 -14.58 4.50
CA ARG B 36 -19.78 -15.28 3.26
C ARG B 36 -19.06 -14.60 2.11
N CYS B 37 -18.63 -15.39 1.15
CA CYS B 37 -18.02 -14.91 -0.10
C CYS B 37 -19.08 -15.13 -1.19
N ILE B 38 -19.64 -14.04 -1.71
CA ILE B 38 -20.74 -14.13 -2.70
C ILE B 38 -20.18 -13.66 -4.05
N LEU B 39 -20.32 -14.53 -5.03
CA LEU B 39 -19.62 -14.39 -6.31
C LEU B 39 -20.55 -14.57 -7.47
N ASN B 40 -20.07 -14.12 -8.62
CA ASN B 40 -20.64 -14.48 -9.91
C ASN B 40 -22.11 -14.09 -10.09
N PRO B 41 -22.41 -12.78 -9.96
CA PRO B 41 -23.76 -12.28 -10.20
C PRO B 41 -24.14 -12.36 -11.68
N ARG B 42 -25.33 -12.88 -11.96
CA ARG B 42 -25.90 -12.98 -13.30
C ARG B 42 -27.29 -12.42 -13.28
N LEU B 43 -27.56 -11.47 -14.18
CA LEU B 43 -28.79 -10.71 -14.12
C LEU B 43 -29.34 -10.43 -15.52
N THR B 44 -30.64 -10.60 -15.67
CA THR B 44 -31.33 -10.19 -16.89
C THR B 44 -32.65 -9.56 -16.47
N ILE B 45 -32.91 -8.37 -17.02
CA ILE B 45 -34.13 -7.62 -16.72
C ILE B 45 -34.88 -7.41 -18.02
N SER B 46 -36.17 -7.69 -17.98
CA SER B 46 -37.06 -7.41 -19.10
C SER B 46 -38.26 -6.67 -18.52
N SER B 47 -38.38 -5.39 -18.89
CA SER B 47 -39.44 -4.49 -18.43
C SER B 47 -39.46 -4.38 -16.89
N THR B 48 -40.44 -5.01 -16.24
CA THR B 48 -40.68 -4.90 -14.80
C THR B 48 -40.25 -6.16 -14.01
N LYS B 49 -39.72 -7.17 -14.69
CA LYS B 49 -39.30 -8.44 -14.07
C LYS B 49 -37.79 -8.65 -14.23
N PHE B 50 -37.23 -9.46 -13.34
CA PHE B 50 -35.81 -9.84 -13.45
C PHE B 50 -35.59 -11.30 -13.01
N ALA B 51 -34.56 -11.91 -13.57
CA ALA B 51 -34.07 -13.21 -13.15
C ALA B 51 -32.62 -13.02 -12.75
N TYR B 52 -32.26 -13.57 -11.59
CA TYR B 52 -30.96 -13.29 -11.01
C TYR B 52 -30.42 -14.53 -10.35
N VAL B 53 -29.11 -14.72 -10.46
CA VAL B 53 -28.46 -15.84 -9.77
C VAL B 53 -27.07 -15.42 -9.31
N HIS B 54 -26.69 -15.88 -8.12
CA HIS B 54 -25.31 -15.79 -7.65
C HIS B 54 -24.93 -17.01 -6.81
N SER B 55 -23.64 -17.13 -6.52
CA SER B 55 -23.10 -18.30 -5.80
C SER B 55 -22.59 -17.84 -4.45
N GLU B 56 -22.98 -18.54 -3.38
CA GLU B 56 -22.62 -18.15 -2.04
C GLU B 56 -21.76 -19.22 -1.40
N TYR B 57 -20.58 -18.80 -0.95
CA TYR B 57 -19.57 -19.67 -0.36
C TYR B 57 -19.23 -19.22 1.05
N ASP B 58 -18.47 -20.06 1.76
CA ASP B 58 -17.83 -19.62 3.01
C ASP B 58 -16.70 -18.61 2.67
N LYS B 59 -16.00 -18.16 3.70
CA LYS B 59 -14.97 -17.12 3.53
C LYS B 59 -13.86 -17.46 2.57
N ASN B 60 -13.62 -18.74 2.33
CA ASN B 60 -12.61 -19.18 1.36
C ASN B 60 -13.01 -19.16 -0.10
N CYS B 61 -14.21 -18.64 -0.39
CA CYS B 61 -14.66 -18.49 -1.77
C CYS B 61 -14.67 -19.84 -2.46
N THR B 62 -14.24 -19.95 -3.73
CA THR B 62 -14.32 -21.22 -4.42
C THR B 62 -13.43 -22.32 -3.86
N ARG B 63 -12.48 -21.98 -2.98
CA ARG B 63 -11.68 -23.02 -2.31
C ARG B 63 -12.36 -23.50 -1.05
N GLY B 64 -13.55 -22.98 -0.73
CA GLY B 64 -14.31 -23.45 0.41
C GLY B 64 -15.66 -24.00 0.02
N PHE B 65 -16.51 -24.16 1.02
CA PHE B 65 -17.85 -24.75 0.85
C PHE B 65 -18.80 -23.79 0.15
N LYS B 66 -19.59 -24.34 -0.77
CA LYS B 66 -20.62 -23.60 -1.48
C LYS B 66 -21.98 -23.88 -0.83
N TYR B 67 -22.53 -22.86 -0.20
CA TYR B 67 -23.82 -22.96 0.47
C TYR B 67 -24.98 -22.99 -0.52
N TYR B 68 -24.94 -22.11 -1.53
CA TYR B 68 -26.11 -21.92 -2.43
C TYR B 68 -25.66 -21.62 -3.86
N GLU B 69 -26.44 -22.14 -4.80
CA GLU B 69 -26.50 -21.62 -6.18
C GLU B 69 -27.85 -20.93 -6.20
N LEU B 70 -27.86 -19.64 -5.87
CA LEU B 70 -29.05 -18.97 -5.42
C LEU B 70 -29.75 -18.25 -6.57
N MET B 71 -30.96 -18.73 -6.91
CA MET B 71 -31.75 -18.24 -8.03
C MET B 71 -33.00 -17.55 -7.57
N THR B 72 -33.38 -16.50 -8.28
CA THR B 72 -34.61 -15.77 -7.94
C THR B 72 -35.23 -15.08 -9.15
N PHE B 73 -36.55 -14.94 -9.10
CA PHE B 73 -37.36 -14.30 -10.13
C PHE B 73 -38.12 -13.22 -9.39
N GLY B 74 -37.85 -11.96 -9.71
CA GLY B 74 -38.33 -10.83 -8.92
C GLY B 74 -38.88 -9.71 -9.78
N GLU B 75 -39.14 -8.58 -9.13
CA GLU B 75 -39.79 -7.43 -9.78
C GLU B 75 -39.01 -6.16 -9.54
N ILE B 76 -39.15 -5.23 -10.47
CA ILE B 76 -38.57 -3.91 -10.37
C ILE B 76 -39.64 -2.98 -9.78
N LEU B 77 -39.35 -2.37 -8.63
CA LEU B 77 -40.26 -1.45 -7.95
C LEU B 77 -39.56 -0.15 -7.54
N GLU B 78 -40.36 0.88 -7.26
CA GLU B 78 -39.81 2.20 -6.88
C GLU B 78 -39.15 2.20 -5.51
N GLY B 79 -37.99 2.83 -5.42
CA GLY B 79 -37.31 3.09 -4.15
C GLY B 79 -37.60 4.49 -3.62
N PRO B 80 -37.03 4.86 -2.46
CA PRO B 80 -37.33 6.12 -1.76
C PRO B 80 -37.00 7.40 -2.55
N GLU B 81 -36.05 7.33 -3.48
CA GLU B 81 -35.72 8.50 -4.31
C GLU B 81 -36.24 8.34 -5.76
N LYS B 82 -37.35 7.61 -5.91
CA LYS B 82 -37.98 7.29 -7.20
C LYS B 82 -37.13 6.47 -8.19
N GLU B 83 -36.06 5.86 -7.69
CA GLU B 83 -35.17 5.03 -8.50
C GLU B 83 -35.72 3.60 -8.52
N PRO B 84 -35.53 2.87 -9.63
CA PRO B 84 -35.97 1.49 -9.68
C PRO B 84 -35.08 0.64 -8.78
N ARG B 85 -35.70 -0.33 -8.13
CA ARG B 85 -35.02 -1.25 -7.22
C ARG B 85 -35.47 -2.66 -7.51
N MET B 86 -34.61 -3.62 -7.19
CA MET B 86 -34.93 -5.03 -7.35
C MET B 86 -35.52 -5.55 -6.05
N PHE B 87 -36.63 -6.26 -6.16
CA PHE B 87 -37.28 -6.87 -5.01
C PHE B 87 -37.64 -8.31 -5.34
N SER B 88 -37.25 -9.21 -4.46
CA SER B 88 -37.71 -10.59 -4.56
C SER B 88 -38.03 -11.12 -3.16
N ARG B 89 -39.06 -11.95 -3.08
CA ARG B 89 -39.47 -12.55 -1.81
C ARG B 89 -38.99 -14.01 -1.66
N SER B 90 -38.78 -14.70 -2.78
CA SER B 90 -38.49 -16.13 -2.77
C SER B 90 -37.20 -16.40 -3.50
N PHE B 91 -36.35 -17.20 -2.88
CA PHE B 91 -35.06 -17.59 -3.43
C PHE B 91 -35.04 -19.09 -3.44
N TYR B 92 -34.27 -19.63 -4.35
N TYR B 92 -34.32 -19.65 -4.40
CA TYR B 92 -34.21 -21.04 -4.56
CA TYR B 92 -34.27 -21.10 -4.61
C TYR B 92 -32.78 -21.51 -4.71
C TYR B 92 -32.83 -21.57 -4.81
N SER B 93 -32.47 -22.71 -4.22
CA SER B 93 -31.17 -23.32 -4.47
C SER B 93 -31.26 -24.82 -4.48
N PRO B 94 -30.44 -25.49 -5.30
CA PRO B 94 -30.24 -26.91 -5.12
C PRO B 94 -29.59 -27.20 -3.78
N THR B 95 -29.78 -28.42 -3.29
CA THR B 95 -28.97 -28.93 -2.20
C THR B 95 -27.67 -29.41 -2.84
N ASN B 96 -26.59 -29.51 -2.07
CA ASN B 96 -25.28 -29.92 -2.66
C ASN B 96 -24.93 -28.98 -3.83
N ALA B 97 -25.01 -27.69 -3.54
CA ALA B 97 -24.80 -26.64 -4.52
C ALA B 97 -23.49 -26.75 -5.27
N VAL B 98 -22.46 -27.37 -4.65
CA VAL B 98 -21.18 -27.52 -5.34
C VAL B 98 -21.31 -28.32 -6.63
N ASN B 99 -22.31 -29.18 -6.78
CA ASN B 99 -22.47 -29.94 -8.01
C ASN B 99 -23.31 -29.26 -9.09
N TYR B 100 -23.74 -28.03 -8.87
CA TYR B 100 -24.58 -27.27 -9.81
C TYR B 100 -23.74 -26.07 -10.28
N HIS B 101 -23.62 -25.93 -11.60
CA HIS B 101 -22.65 -25.01 -12.18
C HIS B 101 -23.28 -24.13 -13.25
N SER B 102 -22.80 -22.88 -13.30
CA SER B 102 -22.98 -22.02 -14.48
C SER B 102 -24.43 -21.72 -14.79
N CYS B 103 -25.30 -21.67 -13.77
CA CYS B 103 -26.71 -21.34 -13.96
C CYS B 103 -26.84 -20.02 -14.73
N THR B 104 -27.61 -20.09 -15.82
CA THR B 104 -27.69 -19.01 -16.81
C THR B 104 -29.14 -18.52 -16.93
N PRO B 105 -29.41 -17.25 -16.61
CA PRO B 105 -30.80 -16.81 -16.51
C PRO B 105 -31.46 -16.31 -17.81
N ILE B 106 -32.77 -16.54 -17.92
CA ILE B 106 -33.66 -15.88 -18.90
C ILE B 106 -34.87 -15.41 -18.12
N VAL B 107 -35.32 -14.19 -18.39
CA VAL B 107 -36.53 -13.69 -17.76
C VAL B 107 -37.64 -13.45 -18.80
N THR B 108 -38.88 -13.76 -18.41
CA THR B 108 -40.09 -13.38 -19.17
C THR B 108 -41.09 -12.77 -18.18
N VAL B 109 -42.20 -12.23 -18.69
CA VAL B 109 -43.17 -11.59 -17.77
C VAL B 109 -43.65 -12.52 -16.66
N ASN B 110 -43.89 -13.80 -16.98
CA ASN B 110 -44.43 -14.77 -16.00
C ASN B 110 -43.48 -15.85 -15.51
N GLU B 111 -42.28 -15.97 -16.07
CA GLU B 111 -41.36 -17.03 -15.65
C GLU B 111 -39.94 -16.51 -15.58
N GLY B 112 -39.19 -17.00 -14.58
CA GLY B 112 -37.73 -16.87 -14.55
C GLY B 112 -37.17 -18.24 -14.87
N TYR B 113 -36.21 -18.30 -15.80
CA TYR B 113 -35.65 -19.58 -16.21
C TYR B 113 -34.15 -19.58 -15.93
N PHE B 114 -33.62 -20.73 -15.54
CA PHE B 114 -32.19 -20.87 -15.26
C PHE B 114 -31.70 -22.19 -15.84
N LEU B 115 -30.73 -22.14 -16.76
CA LEU B 115 -30.13 -23.35 -17.26
C LEU B 115 -28.82 -23.61 -16.51
N CYS B 116 -28.79 -24.72 -15.77
CA CYS B 116 -27.67 -25.10 -14.93
C CYS B 116 -27.12 -26.43 -15.44
N LEU B 117 -25.87 -26.74 -15.09
CA LEU B 117 -25.26 -28.03 -15.39
C LEU B 117 -24.91 -28.72 -14.09
N GLU B 118 -25.41 -29.93 -13.90
CA GLU B 118 -25.02 -30.77 -12.77
C GLU B 118 -23.85 -31.66 -13.16
N CYS B 119 -22.82 -31.64 -12.34
CA CYS B 119 -21.60 -32.38 -12.60
C CYS B 119 -20.80 -32.43 -11.29
N THR B 120 -20.20 -33.56 -10.95
CA THR B 120 -19.45 -33.65 -9.68
C THR B 120 -18.11 -32.91 -9.70
N SER B 121 -17.54 -32.72 -10.89
CA SER B 121 -16.30 -31.98 -11.05
C SER B 121 -16.46 -30.48 -10.82
N SER B 122 -15.46 -29.89 -10.17
CA SER B 122 -15.38 -28.44 -10.01
C SER B 122 -15.04 -27.66 -11.30
N ASP B 123 -14.55 -28.36 -12.32
CA ASP B 123 -14.15 -27.72 -13.58
C ASP B 123 -14.86 -28.45 -14.75
N PRO B 124 -16.21 -28.36 -14.81
CA PRO B 124 -16.96 -29.26 -15.70
C PRO B 124 -16.59 -29.18 -17.18
N LEU B 125 -16.30 -27.98 -17.70
CA LEU B 125 -15.98 -27.90 -19.11
C LEU B 125 -14.75 -28.75 -19.50
N TYR B 126 -13.76 -28.77 -18.62
CA TYR B 126 -12.49 -29.41 -18.92
C TYR B 126 -12.27 -30.77 -18.25
N LYS B 127 -12.99 -31.07 -17.18
CA LYS B 127 -12.78 -32.31 -16.42
C LYS B 127 -13.96 -33.28 -16.45
N ALA B 128 -15.00 -32.96 -17.19
CA ALA B 128 -16.15 -33.85 -17.38
C ALA B 128 -16.54 -33.83 -18.83
N ASN B 129 -17.43 -34.73 -19.23
CA ASN B 129 -17.90 -34.80 -20.58
C ASN B 129 -19.41 -35.08 -20.60
N LEU B 130 -19.98 -35.25 -21.78
CA LEU B 130 -21.41 -35.46 -21.92
C LEU B 130 -21.92 -36.64 -21.11
N SER B 131 -21.10 -37.70 -21.00
CA SER B 131 -21.50 -38.94 -20.31
C SER B 131 -21.74 -38.77 -18.80
N ASN B 132 -21.11 -37.77 -18.17
CA ASN B 132 -21.27 -37.60 -16.73
C ASN B 132 -21.74 -36.19 -16.32
N SER B 133 -22.57 -35.58 -17.17
CA SER B 133 -23.15 -34.28 -16.93
C SER B 133 -24.61 -34.30 -17.26
N THR B 134 -25.39 -33.44 -16.59
CA THR B 134 -26.83 -33.36 -16.81
C THR B 134 -27.25 -31.91 -16.75
N PHE B 135 -28.00 -31.46 -17.75
CA PHE B 135 -28.58 -30.11 -17.72
C PHE B 135 -29.86 -30.09 -16.91
N HIS B 136 -30.07 -28.98 -16.20
CA HIS B 136 -31.31 -28.76 -15.48
C HIS B 136 -31.83 -27.37 -15.77
N LEU B 137 -33.07 -27.29 -16.26
CA LEU B 137 -33.76 -26.05 -16.48
C LEU B 137 -34.65 -25.80 -15.28
N VAL B 138 -34.36 -24.76 -14.51
CA VAL B 138 -35.15 -24.39 -13.35
C VAL B 138 -36.14 -23.32 -13.76
N ILE B 139 -37.41 -23.52 -13.43
CA ILE B 139 -38.47 -22.59 -13.80
C ILE B 139 -39.11 -22.04 -12.56
N LEU B 140 -38.99 -20.74 -12.36
CA LEU B 140 -39.59 -20.05 -11.21
C LEU B 140 -40.80 -19.25 -11.68
N ARG B 141 -41.86 -19.27 -10.86
CA ARG B 141 -43.10 -18.52 -11.13
C ARG B 141 -43.56 -17.85 -9.84
N HIS B 142 -44.30 -16.75 -9.98
CA HIS B 142 -44.81 -15.98 -8.84
C HIS B 142 -45.83 -16.85 -8.05
N ASN B 143 -45.67 -16.92 -6.72
CA ASN B 143 -46.58 -17.68 -5.82
C ASN B 143 -46.89 -19.12 -6.25
N LYS B 144 -45.94 -19.77 -6.91
CA LYS B 144 -46.08 -21.18 -7.32
C LYS B 144 -44.78 -21.92 -7.08
N ASP B 145 -44.90 -23.25 -7.03
CA ASP B 145 -43.76 -24.11 -6.82
C ASP B 145 -42.82 -24.03 -8.01
N GLU B 146 -41.54 -24.12 -7.71
CA GLU B 146 -40.50 -24.25 -8.72
CA GLU B 146 -40.52 -24.23 -8.75
C GLU B 146 -40.71 -25.54 -9.51
N LYS B 147 -40.38 -25.52 -10.78
CA LYS B 147 -40.34 -26.73 -11.59
C LYS B 147 -38.92 -26.91 -12.14
N ILE B 148 -38.51 -28.17 -12.27
CA ILE B 148 -37.19 -28.52 -12.84
C ILE B 148 -37.35 -29.52 -13.98
N VAL B 149 -36.86 -29.16 -15.17
CA VAL B 149 -36.88 -30.00 -16.35
C VAL B 149 -35.43 -30.38 -16.69
N SER B 150 -35.16 -31.68 -16.85
CA SER B 150 -33.78 -32.16 -16.95
C SER B 150 -33.46 -32.85 -18.26
N MET B 151 -32.18 -32.85 -18.61
CA MET B 151 -31.72 -33.45 -19.84
C MET B 151 -30.28 -33.95 -19.64
N PRO B 152 -30.10 -35.27 -19.53
CA PRO B 152 -28.73 -35.80 -19.55
C PRO B 152 -28.00 -35.27 -20.79
N SER B 153 -26.75 -34.85 -20.61
CA SER B 153 -26.01 -34.18 -21.68
C SER B 153 -25.81 -35.09 -22.90
N PHE B 154 -25.69 -36.39 -22.65
CA PHE B 154 -25.58 -37.39 -23.71
C PHE B 154 -26.79 -37.41 -24.65
N ASN B 155 -27.97 -37.05 -24.13
CA ASN B 155 -29.20 -37.04 -24.93
C ASN B 155 -29.46 -35.80 -25.75
N LEU B 156 -28.68 -34.73 -25.55
CA LEU B 156 -28.87 -33.48 -26.31
C LEU B 156 -28.59 -33.68 -27.78
N SER B 157 -29.48 -33.20 -28.64
CA SER B 157 -29.22 -33.18 -30.09
C SER B 157 -28.26 -32.04 -30.38
N THR B 158 -27.19 -32.34 -31.13
CA THR B 158 -26.14 -31.37 -31.42
C THR B 158 -25.88 -31.31 -32.92
N ASP B 159 -25.57 -30.12 -33.43
CA ASP B 159 -25.23 -29.93 -34.86
C ASP B 159 -23.75 -30.25 -35.20
N GLN B 160 -22.92 -30.35 -34.17
CA GLN B 160 -21.52 -30.76 -34.29
C GLN B 160 -21.25 -31.75 -33.18
N GLU B 161 -20.19 -32.53 -33.31
CA GLU B 161 -19.83 -33.50 -32.26
C GLU B 161 -19.06 -32.79 -31.15
N TYR B 162 -19.54 -32.89 -29.90
CA TYR B 162 -18.91 -32.24 -28.76
C TYR B 162 -18.38 -33.27 -27.77
N VAL B 163 -17.28 -32.89 -27.11
CA VAL B 163 -16.77 -33.63 -25.98
C VAL B 163 -17.56 -33.22 -24.74
N GLN B 164 -17.77 -31.90 -24.57
CA GLN B 164 -18.43 -31.34 -23.40
C GLN B 164 -19.04 -30.00 -23.76
N ILE B 165 -20.15 -29.66 -23.10
CA ILE B 165 -20.85 -28.41 -23.27
C ILE B 165 -21.28 -27.90 -21.91
N ILE B 166 -21.08 -26.60 -21.66
CA ILE B 166 -21.57 -25.96 -20.45
C ILE B 166 -22.36 -24.69 -20.77
N PRO B 167 -23.32 -24.31 -19.91
CA PRO B 167 -23.94 -23.00 -20.04
C PRO B 167 -22.95 -21.86 -19.90
N ALA B 168 -23.18 -20.75 -20.61
CA ALA B 168 -22.18 -19.67 -20.66
C ALA B 168 -22.45 -18.49 -19.74
N GLU B 169 -23.48 -18.62 -18.89
CA GLU B 169 -23.64 -17.80 -17.68
C GLU B 169 -24.27 -16.42 -17.77
N GLY B 170 -23.85 -15.58 -18.73
CA GLY B 170 -24.24 -14.18 -18.72
C GLY B 170 -25.75 -13.96 -18.85
N GLY B 171 -26.41 -14.80 -19.64
CA GLY B 171 -27.86 -14.74 -19.79
C GLY B 171 -28.30 -15.14 -21.18
N GLY B 172 -29.58 -15.42 -21.29
CA GLY B 172 -30.19 -15.82 -22.55
C GLY B 172 -31.43 -14.99 -22.85
N THR B 173 -32.18 -15.43 -23.85
CA THR B 173 -33.38 -14.71 -24.29
C THR B 173 -34.43 -15.70 -24.77
N ALA B 174 -35.70 -15.29 -24.67
CA ALA B 174 -36.82 -16.06 -25.16
C ALA B 174 -37.36 -15.41 -26.44
N GLU B 175 -37.42 -16.19 -27.53
CA GLU B 175 -37.97 -15.73 -28.84
C GLU B 175 -38.54 -16.92 -29.62
N SER B 176 -39.53 -16.67 -30.49
CA SER B 176 -40.16 -17.70 -31.34
C SER B 176 -40.74 -18.89 -30.56
N GLY B 177 -41.20 -18.65 -29.33
CA GLY B 177 -41.65 -19.72 -28.45
C GLY B 177 -40.54 -20.57 -27.81
N ASN B 178 -39.28 -20.18 -27.98
CA ASN B 178 -38.13 -20.96 -27.51
C ASN B 178 -37.31 -20.17 -26.50
N LEU B 179 -36.52 -20.92 -25.73
CA LEU B 179 -35.49 -20.32 -24.90
C LEU B 179 -34.16 -20.52 -25.60
N TYR B 180 -33.34 -19.47 -25.62
CA TYR B 180 -31.98 -19.54 -26.19
C TYR B 180 -30.97 -19.19 -25.10
N PHE B 181 -30.18 -20.18 -24.71
CA PHE B 181 -29.13 -19.97 -23.72
C PHE B 181 -27.77 -20.09 -24.40
N PRO B 182 -26.87 -19.14 -24.13
CA PRO B 182 -25.52 -19.36 -24.64
C PRO B 182 -24.81 -20.48 -23.94
N CYS B 183 -23.95 -21.20 -24.67
CA CYS B 183 -23.14 -22.28 -24.12
C CYS B 183 -21.70 -22.15 -24.62
N ILE B 184 -20.82 -22.92 -24.00
CA ILE B 184 -19.44 -23.07 -24.43
C ILE B 184 -19.22 -24.58 -24.60
N GLY B 185 -18.61 -24.98 -25.69
CA GLY B 185 -18.35 -26.39 -25.92
C GLY B 185 -16.97 -26.67 -26.41
N ARG B 186 -16.51 -27.90 -26.17
CA ARG B 186 -15.26 -28.38 -26.67
C ARG B 186 -15.59 -29.36 -27.81
N LEU B 187 -15.14 -29.01 -29.02
CA LEU B 187 -15.46 -29.82 -30.22
C LEU B 187 -14.65 -31.10 -30.25
N LEU B 188 -15.27 -32.21 -30.65
CA LEU B 188 -14.56 -33.46 -30.83
C LEU B 188 -13.52 -33.36 -31.95
N HIS B 189 -13.91 -32.74 -33.06
CA HIS B 189 -13.04 -32.61 -34.22
C HIS B 189 -12.67 -31.14 -34.48
N LYS B 190 -11.65 -30.92 -35.31
CA LYS B 190 -11.11 -29.59 -35.52
C LYS B 190 -11.90 -28.87 -36.62
N ARG B 191 -13.11 -28.46 -36.27
CA ARG B 191 -14.03 -27.85 -37.22
C ARG B 191 -13.74 -26.37 -37.46
N VAL B 192 -13.03 -25.69 -36.56
CA VAL B 192 -12.56 -24.34 -36.85
C VAL B 192 -11.34 -24.50 -37.74
N THR B 193 -11.48 -24.11 -39.02
CA THR B 193 -10.41 -24.22 -40.00
C THR B 193 -9.97 -22.87 -40.60
N HIS B 194 -10.85 -21.87 -40.62
CA HIS B 194 -10.53 -20.55 -41.15
C HIS B 194 -11.10 -19.52 -40.19
N PRO B 195 -10.51 -19.41 -39.00
CA PRO B 195 -11.09 -18.49 -38.01
C PRO B 195 -10.96 -17.03 -38.40
N LEU B 196 -11.89 -16.23 -37.91
CA LEU B 196 -11.80 -14.80 -37.96
C LEU B 196 -10.47 -14.35 -37.34
N CYS B 197 -9.78 -13.47 -38.05
CA CYS B 197 -8.47 -12.99 -37.63
C CYS B 197 -8.36 -11.54 -38.05
N LYS B 198 -7.26 -10.89 -37.75
CA LYS B 198 -7.08 -9.50 -38.09
C LYS B 198 -6.82 -9.40 -39.61
N LYS B 199 -7.56 -8.54 -40.30
CA LYS B 199 -7.47 -8.49 -41.77
C LYS B 199 -6.11 -7.98 -42.21
N SER B 200 -5.71 -6.85 -41.65
CA SER B 200 -4.36 -6.33 -41.87
C SER B 200 -3.40 -6.94 -40.84
N ASN B 201 -2.70 -7.99 -41.24
CA ASN B 201 -1.88 -8.80 -40.30
C ASN B 201 -0.73 -8.01 -39.67
N CYS B 202 -0.47 -8.25 -38.39
CA CYS B 202 0.66 -7.63 -37.71
C CYS B 202 1.94 -8.41 -37.90
N SER B 203 1.84 -9.69 -38.23
CA SER B 203 3.00 -10.59 -38.35
C SER B 203 2.69 -11.61 -39.43
N ARG B 204 3.73 -12.33 -39.83
CA ARG B 204 3.60 -13.43 -40.79
C ARG B 204 2.89 -14.68 -40.23
N THR B 205 2.71 -14.76 -38.92
CA THR B 205 2.09 -15.93 -38.30
C THR B 205 0.73 -15.63 -37.66
N ASP B 206 0.08 -14.53 -38.04
CA ASP B 206 -1.20 -14.17 -37.38
C ASP B 206 -2.24 -15.27 -37.50
N ASP B 207 -2.38 -15.84 -38.69
CA ASP B 207 -3.41 -16.86 -38.90
C ASP B 207 -3.20 -18.09 -38.00
N GLU B 208 -1.94 -18.48 -37.83
CA GLU B 208 -1.55 -19.56 -36.93
C GLU B 208 -2.00 -19.24 -35.49
N SER B 209 -1.71 -18.02 -35.06
CA SER B 209 -2.09 -17.58 -33.72
C SER B 209 -3.59 -17.58 -33.55
N CYS B 210 -4.29 -17.09 -34.57
CA CYS B 210 -5.76 -17.06 -34.52
C CYS B 210 -6.38 -18.47 -34.38
N LEU B 211 -5.79 -19.46 -35.04
CA LEU B 211 -6.25 -20.84 -34.90
C LEU B 211 -5.88 -21.46 -33.55
N LYS B 212 -4.63 -21.27 -33.17
CA LYS B 212 -4.14 -21.83 -31.88
C LYS B 212 -4.87 -21.28 -30.66
N SER B 213 -5.43 -20.08 -30.82
CA SER B 213 -6.22 -19.41 -29.78
C SER B 213 -7.45 -20.20 -29.33
N TYR B 214 -7.89 -21.18 -30.12
CA TYR B 214 -9.06 -21.98 -29.76
C TYR B 214 -8.73 -23.15 -28.83
N TYR B 215 -7.45 -23.35 -28.52
CA TYR B 215 -7.02 -24.36 -27.55
C TYR B 215 -6.54 -23.64 -26.31
N ASN B 216 -6.50 -24.35 -25.19
CA ASN B 216 -5.95 -23.77 -23.98
C ASN B 216 -5.44 -24.86 -23.03
N GLN B 217 -4.93 -24.47 -21.86
CA GLN B 217 -4.36 -25.46 -20.95
C GLN B 217 -5.37 -26.53 -20.51
N GLY B 218 -6.63 -26.15 -20.43
CA GLY B 218 -7.71 -27.07 -20.08
C GLY B 218 -8.12 -27.99 -21.20
N SER B 219 -7.98 -27.49 -22.42
CA SER B 219 -8.37 -28.24 -23.61
C SER B 219 -7.29 -28.11 -24.69
N PRO B 220 -6.14 -28.77 -24.51
CA PRO B 220 -5.05 -28.57 -25.48
C PRO B 220 -5.31 -29.21 -26.84
N GLN B 221 -6.22 -30.18 -26.92
CA GLN B 221 -6.46 -30.91 -28.17
C GLN B 221 -7.86 -30.75 -28.75
N HIS B 222 -8.73 -29.99 -28.08
CA HIS B 222 -10.07 -29.78 -28.57
C HIS B 222 -10.44 -28.30 -28.59
N GLN B 223 -10.99 -27.85 -29.71
CA GLN B 223 -11.30 -26.45 -29.91
C GLN B 223 -12.47 -26.00 -29.05
N VAL B 224 -12.32 -24.84 -28.41
CA VAL B 224 -13.31 -24.30 -27.49
C VAL B 224 -14.09 -23.20 -28.21
N VAL B 225 -15.40 -23.39 -28.35
CA VAL B 225 -16.24 -22.51 -29.14
C VAL B 225 -17.54 -22.12 -28.45
N ASN B 226 -18.13 -21.02 -28.93
CA ASN B 226 -19.45 -20.60 -28.52
C ASN B 226 -20.53 -21.45 -29.19
N CYS B 227 -21.60 -21.72 -28.43
CA CYS B 227 -22.76 -22.41 -28.96
C CYS B 227 -24.00 -21.84 -28.31
N LEU B 228 -25.17 -22.31 -28.73
CA LEU B 228 -26.37 -21.99 -27.97
C LEU B 228 -27.20 -23.26 -27.82
N ILE B 229 -27.99 -23.28 -26.75
CA ILE B 229 -28.94 -24.35 -26.48
C ILE B 229 -30.31 -23.74 -26.65
N ARG B 230 -31.08 -24.29 -27.61
CA ARG B 230 -32.44 -23.85 -27.88
C ARG B 230 -33.38 -24.87 -27.29
N ILE B 231 -34.31 -24.43 -26.46
CA ILE B 231 -35.29 -25.33 -25.83
C ILE B 231 -36.68 -24.87 -26.22
N ARG B 232 -37.46 -25.80 -26.75
CA ARG B 232 -38.83 -25.48 -27.17
C ARG B 232 -39.78 -26.28 -26.29
N ASN B 233 -40.96 -25.69 -26.05
CA ASN B 233 -42.02 -26.29 -25.22
C ASN B 233 -41.52 -26.62 -23.82
N ALA B 234 -40.81 -25.65 -23.23
CA ALA B 234 -40.22 -25.76 -21.89
C ALA B 234 -41.22 -26.07 -20.76
N PRO B 239 -40.73 -31.32 -24.11
CA PRO B 239 -39.88 -30.26 -24.67
C PRO B 239 -38.80 -30.81 -25.62
N THR B 240 -38.25 -29.96 -26.50
CA THR B 240 -37.14 -30.36 -27.37
C THR B 240 -35.92 -29.45 -27.15
N TRP B 241 -34.74 -30.08 -27.13
CA TRP B 241 -33.47 -29.39 -26.83
C TRP B 241 -32.49 -29.58 -27.99
N ASP B 242 -31.88 -28.50 -28.47
CA ASP B 242 -30.92 -28.58 -29.58
C ASP B 242 -29.71 -27.69 -29.27
N VAL B 243 -28.53 -28.14 -29.65
CA VAL B 243 -27.32 -27.29 -29.61
C VAL B 243 -27.03 -26.78 -31.01
N ILE B 244 -26.89 -25.46 -31.12
CA ILE B 244 -26.49 -24.82 -32.38
C ILE B 244 -25.12 -24.18 -32.18
N THR B 245 -24.18 -24.51 -33.05
CA THR B 245 -22.82 -24.00 -32.98
C THR B 245 -22.73 -22.68 -33.68
N VAL B 246 -21.99 -21.74 -33.09
CA VAL B 246 -21.75 -20.43 -33.72
C VAL B 246 -21.08 -20.62 -35.10
N ASP B 247 -21.28 -19.64 -35.97
CA ASP B 247 -20.57 -19.60 -37.24
C ASP B 247 -19.06 -19.62 -36.99
N LEU B 248 -18.42 -20.73 -37.33
CA LEU B 248 -17.02 -20.96 -36.97
C LEU B 248 -16.04 -20.17 -37.85
N THR B 249 -16.55 -19.48 -38.90
CA THR B 249 -15.74 -18.55 -39.69
C THR B 249 -15.86 -17.12 -39.17
N ASN B 250 -16.71 -16.87 -38.16
CA ASN B 250 -17.00 -15.51 -37.73
C ASN B 250 -17.12 -15.36 -36.21
N THR B 251 -16.20 -15.98 -35.51
CA THR B 251 -16.27 -16.05 -34.05
C THR B 251 -14.92 -15.83 -33.41
N TYR B 252 -14.92 -15.90 -32.09
CA TYR B 252 -13.73 -15.83 -31.30
C TYR B 252 -13.76 -16.97 -30.28
N PRO B 253 -12.60 -17.35 -29.73
CA PRO B 253 -12.59 -18.49 -28.79
C PRO B 253 -13.69 -18.45 -27.72
N GLY B 254 -14.32 -19.60 -27.52
CA GLY B 254 -15.49 -19.74 -26.70
C GLY B 254 -15.32 -19.23 -25.29
N SER B 255 -16.32 -18.53 -24.77
CA SER B 255 -16.12 -17.79 -23.52
C SER B 255 -17.45 -17.39 -22.90
N ARG B 256 -17.38 -16.94 -21.66
CA ARG B 256 -18.56 -16.43 -20.94
C ARG B 256 -19.24 -15.34 -21.78
N SER B 257 -20.53 -15.51 -22.02
CA SER B 257 -21.26 -14.70 -23.01
C SER B 257 -22.69 -14.52 -22.59
N ARG B 258 -23.38 -13.66 -23.33
CA ARG B 258 -24.76 -13.39 -23.05
C ARG B 258 -25.49 -13.17 -24.36
N ILE B 259 -26.64 -13.81 -24.49
CA ILE B 259 -27.54 -13.54 -25.60
C ILE B 259 -28.64 -12.68 -25.01
N PHE B 260 -28.79 -11.46 -25.53
CA PHE B 260 -29.73 -10.48 -24.98
C PHE B 260 -30.58 -9.86 -26.09
N GLY B 261 -31.60 -9.12 -25.67
CA GLY B 261 -32.54 -8.50 -26.61
C GLY B 261 -32.25 -7.03 -26.76
N SER B 262 -32.35 -6.55 -28.00
CA SER B 262 -32.39 -5.12 -28.27
C SER B 262 -33.64 -4.85 -29.09
N PHE B 263 -34.66 -4.32 -28.44
CA PHE B 263 -35.95 -4.04 -29.08
C PHE B 263 -36.42 -5.22 -29.93
N SER B 264 -36.49 -6.37 -29.28
CA SER B 264 -37.00 -7.63 -29.82
C SER B 264 -36.08 -8.37 -30.81
N LYS B 265 -34.86 -7.89 -31.03
CA LYS B 265 -33.91 -8.60 -31.89
C LYS B 265 -32.75 -9.13 -31.05
N PRO B 266 -32.25 -10.34 -31.36
CA PRO B 266 -31.20 -10.97 -30.54
C PRO B 266 -29.83 -10.36 -30.78
N MET B 267 -29.07 -10.25 -29.68
CA MET B 267 -27.73 -9.68 -29.66
C MET B 267 -26.81 -10.64 -28.89
N LEU B 268 -25.53 -10.60 -29.25
CA LEU B 268 -24.49 -11.33 -28.49
C LEU B 268 -23.50 -10.37 -27.86
N TYR B 269 -23.21 -10.57 -26.55
CA TYR B 269 -21.97 -10.06 -25.96
C TYR B 269 -21.11 -11.29 -25.64
N GLN B 270 -19.86 -11.29 -26.10
CA GLN B 270 -18.90 -12.37 -25.81
C GLN B 270 -17.68 -11.80 -25.10
N SER B 271 -17.38 -12.27 -23.89
CA SER B 271 -16.18 -11.78 -23.20
C SER B 271 -14.96 -12.10 -24.06
N SER B 272 -13.96 -11.23 -24.04
CA SER B 272 -12.75 -11.42 -24.82
C SER B 272 -11.68 -12.12 -23.98
N VAL B 273 -11.42 -13.36 -24.33
CA VAL B 273 -10.37 -14.17 -23.68
C VAL B 273 -9.11 -14.28 -24.51
N SER B 274 -9.16 -13.79 -25.75
CA SER B 274 -8.10 -13.99 -26.69
C SER B 274 -7.32 -12.70 -26.95
N TRP B 275 -6.38 -12.81 -27.88
CA TRP B 275 -5.68 -11.65 -28.45
C TRP B 275 -6.63 -10.50 -28.81
N HIS B 276 -7.84 -10.83 -29.20
CA HIS B 276 -8.81 -9.82 -29.62
C HIS B 276 -9.50 -9.29 -28.39
N THR B 277 -8.81 -8.40 -27.70
CA THR B 277 -9.21 -7.91 -26.37
C THR B 277 -10.27 -6.84 -26.44
N LEU B 278 -10.51 -6.26 -27.63
CA LEU B 278 -11.54 -5.24 -27.75
C LEU B 278 -12.94 -5.84 -27.59
N LEU B 279 -13.86 -4.99 -27.17
CA LEU B 279 -15.26 -5.34 -26.99
C LEU B 279 -15.86 -6.12 -28.17
N GLN B 280 -16.49 -7.25 -27.83
CA GLN B 280 -17.11 -8.15 -28.78
C GLN B 280 -18.60 -8.15 -28.61
N VAL B 281 -19.29 -7.37 -29.46
N VAL B 281 -19.29 -7.37 -29.46
CA VAL B 281 -20.75 -7.29 -29.46
CA VAL B 281 -20.75 -7.34 -29.44
C VAL B 281 -21.24 -7.46 -30.89
C VAL B 281 -21.26 -7.45 -30.87
N ALA B 282 -22.28 -8.28 -31.07
CA ALA B 282 -22.84 -8.55 -32.40
C ALA B 282 -24.34 -8.51 -32.41
N GLU B 283 -24.89 -8.18 -33.59
CA GLU B 283 -26.26 -8.47 -33.88
C GLU B 283 -26.29 -9.93 -34.28
N ILE B 284 -27.24 -10.70 -33.75
CA ILE B 284 -27.40 -12.09 -34.16
C ILE B 284 -28.38 -12.04 -35.33
N THR B 285 -27.87 -12.24 -36.54
CA THR B 285 -28.64 -12.05 -37.76
C THR B 285 -29.48 -13.26 -38.15
N ASP B 286 -29.11 -14.43 -37.64
CA ASP B 286 -29.93 -15.63 -37.76
C ASP B 286 -29.66 -16.47 -36.50
N LEU B 287 -30.63 -16.45 -35.59
CA LEU B 287 -30.48 -17.09 -34.30
C LEU B 287 -30.41 -18.61 -34.44
N ASP B 288 -31.24 -19.18 -35.30
CA ASP B 288 -31.25 -20.64 -35.43
C ASP B 288 -30.05 -21.20 -36.22
N LYS B 289 -29.26 -20.35 -36.86
CA LYS B 289 -27.96 -20.74 -37.41
C LYS B 289 -26.81 -20.08 -36.67
N TYR B 290 -27.12 -19.36 -35.60
CA TYR B 290 -26.14 -18.59 -34.81
C TYR B 290 -25.12 -17.87 -35.70
N GLN B 291 -25.64 -17.04 -36.60
CA GLN B 291 -24.84 -16.21 -37.47
C GLN B 291 -24.82 -14.78 -36.92
N LEU B 292 -23.72 -14.08 -37.13
CA LEU B 292 -23.44 -12.81 -36.47
C LEU B 292 -23.05 -11.67 -37.42
N ASP B 293 -23.37 -10.44 -37.01
CA ASP B 293 -22.79 -9.24 -37.58
C ASP B 293 -22.10 -8.48 -36.45
N TRP B 294 -20.78 -8.59 -36.36
CA TRP B 294 -20.03 -7.92 -35.30
C TRP B 294 -20.06 -6.43 -35.48
N LEU B 295 -20.28 -5.71 -34.38
CA LEU B 295 -20.33 -4.25 -34.42
C LEU B 295 -18.99 -3.60 -34.19
N ASP B 296 -18.75 -2.45 -34.84
CA ASP B 296 -17.65 -1.55 -34.47
C ASP B 296 -17.86 -1.01 -33.07
N THR B 297 -16.74 -0.73 -32.38
CA THR B 297 -16.79 -0.15 -31.04
C THR B 297 -15.69 0.87 -30.87
N PRO B 298 -15.81 1.75 -29.86
CA PRO B 298 -14.68 2.56 -29.45
C PRO B 298 -13.68 1.74 -28.59
N TYR B 299 -12.73 2.42 -27.96
CA TYR B 299 -11.66 1.77 -27.21
C TYR B 299 -12.19 1.33 -25.84
N ILE B 300 -12.95 0.24 -25.86
CA ILE B 300 -13.48 -0.39 -24.65
C ILE B 300 -12.98 -1.83 -24.69
N SER B 301 -12.33 -2.24 -23.61
CA SER B 301 -11.70 -3.56 -23.54
C SER B 301 -11.86 -4.07 -22.10
N ARG B 302 -10.88 -4.84 -21.64
CA ARG B 302 -10.89 -5.44 -20.29
C ARG B 302 -9.44 -5.67 -19.87
N PRO B 303 -9.19 -5.69 -18.55
CA PRO B 303 -7.85 -6.04 -18.12
C PRO B 303 -7.52 -7.50 -18.46
N GLY B 304 -6.25 -7.76 -18.76
CA GLY B 304 -5.79 -9.08 -19.07
C GLY B 304 -4.53 -9.43 -18.28
N GLY B 305 -3.63 -10.15 -18.93
CA GLY B 305 -2.31 -10.46 -18.37
C GLY B 305 -1.24 -9.76 -19.18
N SER B 306 -0.03 -10.29 -19.09
CA SER B 306 1.10 -9.71 -19.80
C SER B 306 0.99 -9.88 -21.31
N GLU B 307 0.37 -10.96 -21.77
CA GLU B 307 0.32 -11.25 -23.20
C GLU B 307 -0.82 -10.47 -23.88
N CYS B 308 -1.98 -10.40 -23.23
CA CYS B 308 -3.19 -9.77 -23.81
C CYS B 308 -3.82 -8.79 -22.86
N PRO B 309 -3.09 -7.72 -22.51
CA PRO B 309 -3.62 -6.68 -21.67
C PRO B 309 -4.69 -5.87 -22.42
N PHE B 310 -5.36 -5.02 -21.67
CA PHE B 310 -6.39 -4.11 -22.19
C PHE B 310 -5.87 -3.47 -23.48
N GLY B 311 -6.62 -3.66 -24.54
CA GLY B 311 -6.40 -2.92 -25.79
C GLY B 311 -5.46 -3.61 -26.76
N ASN B 312 -4.93 -4.79 -26.41
CA ASN B 312 -4.18 -5.59 -27.38
C ASN B 312 -5.03 -5.82 -28.61
N TYR B 313 -4.45 -5.64 -29.80
CA TYR B 313 -5.18 -5.90 -31.03
C TYR B 313 -4.48 -6.82 -32.03
N CYS B 314 -3.21 -7.11 -31.84
CA CYS B 314 -2.50 -8.05 -32.72
C CYS B 314 -2.65 -9.51 -32.28
N PRO B 315 -2.88 -10.43 -33.24
CA PRO B 315 -2.93 -11.83 -32.92
C PRO B 315 -1.72 -12.39 -32.16
N THR B 316 -2.08 -13.23 -31.19
CA THR B 316 -1.16 -13.95 -30.35
C THR B 316 -2.00 -15.03 -29.65
N VAL B 317 -1.41 -15.79 -28.74
CA VAL B 317 -2.10 -16.90 -28.08
C VAL B 317 -2.14 -16.64 -26.56
N CYS B 318 -3.35 -16.50 -26.05
CA CYS B 318 -3.54 -16.25 -24.63
C CYS B 318 -4.93 -16.74 -24.25
N TRP B 319 -5.18 -16.84 -22.95
CA TRP B 319 -6.53 -17.18 -22.47
C TRP B 319 -6.76 -16.48 -21.14
N GLU B 320 -7.27 -15.26 -21.22
CA GLU B 320 -7.33 -14.35 -20.07
C GLU B 320 -8.33 -13.22 -20.29
N GLY B 321 -8.87 -12.67 -19.21
CA GLY B 321 -9.75 -11.54 -19.30
C GLY B 321 -10.95 -11.65 -18.37
N THR B 322 -11.65 -10.54 -18.22
CA THR B 322 -12.87 -10.48 -17.44
C THR B 322 -14.08 -10.37 -18.35
N TYR B 323 -15.25 -10.57 -17.76
CA TYR B 323 -16.56 -10.39 -18.41
C TYR B 323 -17.15 -9.09 -17.91
N ASN B 324 -17.51 -8.23 -18.88
CA ASN B 324 -18.10 -6.92 -18.56
C ASN B 324 -19.05 -6.59 -19.72
N ASP B 325 -20.31 -6.95 -19.58
CA ASP B 325 -21.24 -6.93 -20.72
C ASP B 325 -21.83 -5.54 -20.98
N VAL B 326 -22.70 -5.46 -21.99
CA VAL B 326 -23.22 -4.19 -22.46
C VAL B 326 -24.72 -4.27 -22.66
N TYR B 327 -25.33 -3.13 -22.92
CA TYR B 327 -26.74 -3.13 -23.26
C TYR B 327 -27.00 -1.96 -24.23
N SER B 328 -27.82 -2.21 -25.24
CA SER B 328 -28.16 -1.18 -26.24
C SER B 328 -29.33 -0.34 -25.79
N LEU B 329 -29.21 0.96 -25.95
CA LEU B 329 -30.29 1.89 -25.65
C LEU B 329 -31.14 2.24 -26.87
N THR B 330 -30.76 1.79 -28.08
CA THR B 330 -31.52 2.13 -29.29
C THR B 330 -31.77 0.91 -30.19
N PRO B 331 -32.89 0.90 -30.95
CA PRO B 331 -33.14 -0.16 -31.93
C PRO B 331 -32.04 -0.34 -32.96
N ASN B 332 -31.38 0.75 -33.34
CA ASN B 332 -30.32 0.73 -34.33
CA ASN B 332 -30.32 0.77 -34.31
C ASN B 332 -28.96 0.27 -33.75
N ASN B 333 -28.90 0.03 -32.44
CA ASN B 333 -27.66 -0.44 -31.80
C ASN B 333 -26.49 0.44 -32.10
N ASP B 334 -26.71 1.72 -31.83
CA ASP B 334 -25.72 2.76 -32.02
C ASP B 334 -25.51 3.56 -30.76
N LEU B 335 -26.06 3.09 -29.65
CA LEU B 335 -25.81 3.72 -28.35
C LEU B 335 -25.93 2.63 -27.29
N PHE B 336 -24.91 2.55 -26.44
CA PHE B 336 -24.75 1.44 -25.50
C PHE B 336 -24.32 1.94 -24.14
N VAL B 337 -24.56 1.11 -23.12
CA VAL B 337 -23.99 1.34 -21.79
C VAL B 337 -23.18 0.12 -21.39
N THR B 338 -22.22 0.35 -20.49
CA THR B 338 -21.44 -0.75 -19.89
C THR B 338 -20.85 -0.29 -18.57
N VAL B 339 -20.49 -1.25 -17.72
CA VAL B 339 -19.55 -0.95 -16.65
C VAL B 339 -18.28 -1.75 -16.94
N TYR B 340 -17.23 -1.08 -17.40
CA TYR B 340 -15.99 -1.77 -17.77
C TYR B 340 -14.88 -1.46 -16.80
N LEU B 341 -13.81 -2.27 -16.84
CA LEU B 341 -12.69 -2.12 -15.91
C LEU B 341 -11.55 -1.41 -16.62
N LYS B 342 -11.29 -0.19 -16.18
CA LYS B 342 -10.32 0.68 -16.85
C LYS B 342 -8.93 0.39 -16.26
N SER B 343 -8.35 -0.71 -16.69
CA SER B 343 -7.11 -1.23 -16.10
C SER B 343 -6.45 -2.13 -17.11
N GLU B 344 -5.12 -2.09 -17.15
CA GLU B 344 -4.39 -2.94 -18.10
C GLU B 344 -4.42 -4.41 -17.71
N GLN B 345 -4.19 -4.70 -16.43
CA GLN B 345 -4.03 -6.09 -15.98
C GLN B 345 -4.66 -6.42 -14.64
N VAL B 346 -5.29 -5.47 -13.98
CA VAL B 346 -5.79 -5.70 -12.63
C VAL B 346 -7.31 -5.62 -12.63
N ALA B 347 -7.92 -6.49 -11.84
CA ALA B 347 -9.37 -6.48 -11.65
C ALA B 347 -9.76 -5.37 -10.68
N GLU B 348 -9.84 -4.13 -11.20
CA GLU B 348 -10.21 -2.97 -10.41
C GLU B 348 -10.61 -1.82 -11.33
N ASN B 349 -11.06 -0.72 -10.71
CA ASN B 349 -11.36 0.54 -11.39
C ASN B 349 -12.53 0.50 -12.39
N PRO B 350 -13.72 0.11 -11.92
CA PRO B 350 -14.88 0.08 -12.76
C PRO B 350 -15.34 1.48 -13.18
N TYR B 351 -15.67 1.63 -14.46
CA TYR B 351 -16.21 2.85 -15.03
C TYR B 351 -17.55 2.55 -15.67
N PHE B 352 -18.54 3.41 -15.43
CA PHE B 352 -19.77 3.40 -16.22
C PHE B 352 -19.48 4.20 -17.48
N ALA B 353 -19.91 3.68 -18.64
CA ALA B 353 -19.69 4.38 -19.91
C ALA B 353 -20.91 4.30 -20.83
N ILE B 354 -21.19 5.43 -21.50
CA ILE B 354 -22.22 5.55 -22.53
C ILE B 354 -21.43 5.76 -23.81
N PHE B 355 -21.72 4.99 -24.85
CA PHE B 355 -20.93 5.03 -26.07
C PHE B 355 -21.69 4.66 -27.33
N SER B 356 -21.25 5.27 -28.44
CA SER B 356 -21.73 4.91 -29.75
C SER B 356 -20.76 3.87 -30.30
N ARG B 357 -20.96 3.44 -31.54
CA ARG B 357 -20.01 2.52 -32.17
C ARG B 357 -18.63 3.15 -32.39
N ASP B 358 -18.57 4.48 -32.39
CA ASP B 358 -17.35 5.23 -32.75
C ASP B 358 -16.67 5.95 -31.60
N GLN B 359 -17.41 6.30 -30.54
CA GLN B 359 -16.91 7.19 -29.50
C GLN B 359 -17.48 6.86 -28.14
N ILE B 360 -16.66 7.00 -27.11
CA ILE B 360 -17.13 7.01 -25.72
C ILE B 360 -17.70 8.42 -25.50
N LEU B 361 -19.00 8.53 -25.22
CA LEU B 361 -19.68 9.83 -25.15
C LEU B 361 -19.64 10.43 -23.75
N LYS B 362 -19.70 9.57 -22.74
CA LYS B 362 -19.50 9.99 -21.36
C LYS B 362 -19.10 8.77 -20.54
N GLU B 363 -18.17 8.95 -19.62
CA GLU B 363 -17.78 7.91 -18.67
C GLU B 363 -17.26 8.51 -17.38
N PHE B 364 -17.33 7.72 -16.30
CA PHE B 364 -16.85 8.14 -14.99
C PHE B 364 -16.60 6.92 -14.11
N PRO B 365 -15.66 7.06 -13.15
CA PRO B 365 -15.40 5.97 -12.21
C PRO B 365 -16.54 5.85 -11.22
N LEU B 366 -16.80 4.64 -10.74
CA LEU B 366 -17.82 4.43 -9.71
C LEU B 366 -17.17 4.63 -8.34
N ASP B 367 -17.87 4.28 -7.26
CA ASP B 367 -17.39 4.55 -5.89
C ASP B 367 -15.94 4.16 -5.58
N ALA B 368 -15.21 5.12 -5.02
CA ALA B 368 -13.80 4.96 -4.65
C ALA B 368 -13.54 3.85 -3.64
N TRP B 369 -14.54 3.52 -2.83
CA TRP B 369 -14.40 2.44 -1.83
C TRP B 369 -14.45 1.01 -2.40
N ILE B 370 -14.74 0.86 -3.69
CA ILE B 370 -14.63 -0.45 -4.35
C ILE B 370 -13.15 -0.84 -4.38
N SER B 371 -12.78 -1.91 -3.67
CA SER B 371 -11.39 -2.36 -3.64
C SER B 371 -11.03 -3.13 -4.92
N SER B 372 -11.95 -3.92 -5.41
CA SER B 372 -11.74 -4.68 -6.65
C SER B 372 -13.07 -4.95 -7.30
N ALA B 373 -13.02 -5.27 -8.59
CA ALA B 373 -14.21 -5.59 -9.36
C ALA B 373 -13.80 -6.51 -10.49
N ARG B 374 -14.65 -7.48 -10.80
CA ARG B 374 -14.34 -8.46 -11.81
C ARG B 374 -15.52 -8.53 -12.79
N THR B 375 -16.43 -9.48 -12.62
CA THR B 375 -17.58 -9.60 -13.51
C THR B 375 -18.54 -8.45 -13.29
N THR B 376 -18.98 -7.86 -14.40
CA THR B 376 -20.06 -6.86 -14.33
C THR B 376 -21.10 -7.12 -15.43
N THR B 377 -22.33 -6.76 -15.13
CA THR B 377 -23.45 -6.97 -16.07
C THR B 377 -24.46 -5.85 -15.91
N ILE B 378 -25.11 -5.50 -17.02
CA ILE B 378 -26.00 -4.36 -17.07
C ILE B 378 -27.21 -4.64 -17.97
N SER B 379 -28.39 -4.18 -17.55
CA SER B 379 -29.63 -4.33 -18.29
C SER B 379 -30.38 -3.01 -18.18
N CYS B 380 -31.08 -2.64 -19.24
CA CYS B 380 -31.87 -1.40 -19.26
C CYS B 380 -33.30 -1.68 -19.60
N PHE B 381 -34.16 -0.73 -19.22
CA PHE B 381 -35.60 -0.91 -19.29
C PHE B 381 -36.30 0.45 -19.18
N MET B 382 -37.57 0.49 -19.55
CA MET B 382 -38.41 1.67 -19.30
C MET B 382 -39.05 1.54 -17.92
N PHE B 383 -38.98 2.62 -17.14
CA PHE B 383 -39.51 2.68 -15.78
C PHE B 383 -40.07 4.08 -15.55
N ASN B 384 -41.36 4.19 -15.23
CA ASN B 384 -42.04 5.51 -15.11
C ASN B 384 -41.76 6.41 -16.30
N ASN B 385 -41.88 5.85 -17.50
N ASN B 385 -41.90 5.87 -17.50
CA ASN B 385 -41.61 6.57 -18.76
CA ASN B 385 -41.60 6.57 -18.76
C ASN B 385 -40.20 7.20 -18.87
C ASN B 385 -40.20 7.20 -18.87
N GLU B 386 -39.24 6.61 -18.15
CA GLU B 386 -37.85 7.11 -18.10
C GLU B 386 -36.94 5.92 -18.46
N ILE B 387 -35.76 6.22 -18.97
CA ILE B 387 -34.82 5.19 -19.35
C ILE B 387 -33.89 4.94 -18.18
N TRP B 388 -33.89 3.71 -17.66
CA TRP B 388 -33.00 3.32 -16.57
C TRP B 388 -32.21 2.08 -16.90
N CYS B 389 -31.03 1.97 -16.30
CA CYS B 389 -30.24 0.74 -16.36
C CYS B 389 -29.84 0.31 -14.95
N ILE B 390 -29.89 -1.00 -14.70
CA ILE B 390 -29.35 -1.57 -13.46
C ILE B 390 -28.12 -2.40 -13.80
N ALA B 391 -27.05 -2.15 -13.06
CA ALA B 391 -25.82 -2.95 -13.16
C ALA B 391 -25.55 -3.73 -11.88
N ALA B 392 -25.08 -4.96 -12.03
CA ALA B 392 -24.61 -5.80 -10.92
C ALA B 392 -23.09 -5.96 -11.06
N LEU B 393 -22.34 -5.57 -10.02
CA LEU B 393 -20.87 -5.64 -10.02
C LEU B 393 -20.40 -6.64 -9.01
N GLU B 394 -19.55 -7.56 -9.46
CA GLU B 394 -18.89 -8.52 -8.59
C GLU B 394 -17.69 -7.79 -8.01
N ILE B 395 -17.76 -7.45 -6.73
CA ILE B 395 -16.73 -6.63 -6.11
C ILE B 395 -16.24 -7.17 -4.78
N THR B 396 -15.17 -6.54 -4.31
CA THR B 396 -14.76 -6.65 -2.91
C THR B 396 -14.62 -5.25 -2.33
N ARG B 397 -14.76 -5.17 -1.01
CA ARG B 397 -14.60 -3.96 -0.20
C ARG B 397 -13.69 -4.26 0.96
N LEU B 398 -13.11 -3.21 1.53
CA LEU B 398 -12.18 -3.36 2.65
C LEU B 398 -11.08 -4.39 2.37
N ASN B 399 -10.35 -4.26 1.27
CA ASN B 399 -9.23 -5.19 0.97
C ASN B 399 -9.56 -6.68 1.08
N ASP B 400 -10.58 -7.11 0.39
CA ASP B 400 -11.09 -8.49 0.40
C ASP B 400 -11.77 -8.97 1.68
N ASP B 401 -11.94 -8.10 2.68
CA ASP B 401 -12.72 -8.49 3.89
C ASP B 401 -14.19 -8.78 3.57
N ILE B 402 -14.76 -8.00 2.63
CA ILE B 402 -16.19 -8.11 2.27
C ILE B 402 -16.32 -8.40 0.78
N ILE B 403 -16.66 -9.64 0.45
CA ILE B 403 -16.80 -10.08 -0.94
C ILE B 403 -18.28 -10.38 -1.19
N ARG B 404 -18.95 -9.49 -1.91
CA ARG B 404 -20.29 -9.72 -2.40
C ARG B 404 -20.63 -8.62 -3.40
N PRO B 405 -21.62 -8.86 -4.27
CA PRO B 405 -21.92 -7.87 -5.30
C PRO B 405 -22.55 -6.57 -4.79
N ILE B 406 -22.38 -5.51 -5.55
CA ILE B 406 -23.19 -4.29 -5.36
C ILE B 406 -23.98 -4.02 -6.62
N TYR B 407 -24.97 -3.15 -6.48
CA TYR B 407 -25.94 -2.90 -7.53
C TYR B 407 -26.20 -1.39 -7.67
N TYR B 408 -26.26 -0.90 -8.90
CA TYR B 408 -26.50 0.52 -9.16
C TYR B 408 -27.64 0.69 -10.16
N SER B 409 -28.41 1.76 -9.99
CA SER B 409 -29.44 2.19 -10.94
C SER B 409 -29.01 3.49 -11.60
N PHE B 410 -28.96 3.51 -12.93
CA PHE B 410 -28.53 4.68 -13.68
C PHE B 410 -29.71 5.26 -14.42
N TRP B 411 -29.89 6.57 -14.30
CA TRP B 411 -30.98 7.27 -14.98
C TRP B 411 -30.41 7.95 -16.20
N LEU B 412 -30.84 7.52 -17.38
CA LEU B 412 -30.27 8.04 -18.62
C LEU B 412 -31.21 9.09 -19.21
N PRO B 413 -30.70 10.31 -19.42
CA PRO B 413 -31.57 11.39 -19.86
C PRO B 413 -32.02 11.26 -21.33
N THR B 414 -33.20 11.81 -21.61
CA THR B 414 -33.73 11.93 -22.97
C THR B 414 -33.70 13.38 -23.52
N ASP B 415 -33.49 14.35 -22.64
CA ASP B 415 -33.42 15.76 -23.03
C ASP B 415 -32.00 16.26 -22.75
N CYS B 416 -31.22 16.52 -23.80
CA CYS B 416 -29.81 16.94 -23.62
C CYS B 416 -29.64 18.33 -23.02
N ARG B 417 -30.66 19.20 -23.13
CA ARG B 417 -30.61 20.55 -22.53
C ARG B 417 -30.93 20.53 -21.04
N THR B 418 -32.06 19.92 -20.69
CA THR B 418 -32.54 19.79 -19.32
C THR B 418 -32.66 18.28 -18.99
N PRO B 419 -31.54 17.62 -18.63
CA PRO B 419 -31.55 16.16 -18.46
C PRO B 419 -32.43 15.63 -17.32
N TYR B 420 -32.42 16.30 -16.17
CA TYR B 420 -33.13 15.85 -14.96
C TYR B 420 -34.08 16.91 -14.41
N PRO B 421 -35.39 16.75 -14.66
CA PRO B 421 -36.43 17.63 -14.05
C PRO B 421 -36.46 17.64 -12.52
N HIS B 422 -37.29 18.52 -11.96
CA HIS B 422 -37.31 18.84 -10.52
C HIS B 422 -35.97 19.42 -10.04
N SER C 4 -3.14 3.14 -3.74
CA SER C 4 -2.40 2.00 -4.39
C SER C 4 -0.97 1.84 -3.81
N ILE C 5 -0.62 0.67 -3.21
CA ILE C 5 0.75 0.41 -2.68
C ILE C 5 1.53 -0.48 -3.66
N VAL C 6 2.59 0.09 -4.22
CA VAL C 6 3.36 -0.52 -5.27
C VAL C 6 4.68 -0.99 -4.68
N LEU C 7 4.91 -2.30 -4.73
CA LEU C 7 6.14 -2.90 -4.25
C LEU C 7 7.18 -2.85 -5.36
N GLU C 8 8.45 -2.72 -4.96
CA GLU C 8 9.53 -2.57 -5.93
C GLU C 8 9.53 -3.77 -6.88
N PRO C 9 9.58 -3.50 -8.19
CA PRO C 9 9.41 -4.60 -9.16
C PRO C 9 10.53 -5.62 -9.15
N ILE C 10 10.20 -6.83 -9.58
CA ILE C 10 11.17 -7.90 -9.73
C ILE C 10 11.58 -8.00 -11.19
N TYR C 11 12.87 -7.76 -11.48
CA TYR C 11 13.38 -7.92 -12.83
C TYR C 11 13.74 -9.38 -12.99
N TRP C 12 13.07 -10.05 -13.92
CA TRP C 12 13.26 -11.46 -14.14
C TRP C 12 14.46 -11.65 -15.06
N ASN C 13 15.65 -11.57 -14.48
CA ASN C 13 16.88 -11.90 -15.21
C ASN C 13 17.98 -12.44 -14.30
N SER C 14 18.97 -13.05 -14.91
CA SER C 14 19.97 -13.84 -14.19
C SER C 14 20.92 -13.00 -13.33
N SER C 15 20.99 -11.70 -13.57
CA SER C 15 21.85 -10.84 -12.75
C SER C 15 21.17 -10.32 -11.47
N ASN C 16 19.92 -10.71 -11.22
CA ASN C 16 19.16 -10.15 -10.11
C ASN C 16 19.63 -10.86 -8.85
N SER C 17 20.33 -10.10 -8.00
CA SER C 17 20.93 -10.66 -6.79
C SER C 17 19.89 -10.97 -5.70
N LYS C 18 18.64 -10.52 -5.88
CA LYS C 18 17.56 -10.85 -4.93
C LYS C 18 17.18 -12.33 -4.93
N PHE C 19 17.57 -13.10 -5.94
CA PHE C 19 17.38 -14.55 -5.94
C PHE C 19 18.55 -15.22 -5.16
N LEU C 20 18.28 -15.62 -3.93
CA LEU C 20 19.35 -16.08 -3.00
C LEU C 20 19.61 -17.57 -3.11
N PRO C 21 20.89 -17.99 -2.93
CA PRO C 21 21.18 -19.40 -3.03
C PRO C 21 20.33 -20.21 -2.07
N GLY C 22 19.80 -21.31 -2.59
CA GLY C 22 19.01 -22.26 -1.82
C GLY C 22 17.60 -21.79 -1.48
N GLN C 23 17.29 -20.50 -1.62
CA GLN C 23 16.03 -19.90 -1.15
CA GLN C 23 15.99 -19.98 -1.17
C GLN C 23 15.23 -19.16 -2.22
N GLY C 24 15.90 -18.66 -3.27
CA GLY C 24 15.27 -17.78 -4.22
C GLY C 24 14.84 -16.47 -3.57
N LEU C 25 13.75 -15.88 -4.07
CA LEU C 25 13.29 -14.59 -3.61
C LEU C 25 12.04 -14.76 -2.76
N VAL C 26 12.10 -14.41 -1.48
CA VAL C 26 11.02 -14.63 -0.53
C VAL C 26 10.47 -13.26 -0.16
N LEU C 27 9.15 -13.09 -0.23
CA LEU C 27 8.56 -11.82 0.23
C LEU C 27 7.25 -12.08 0.93
N TYR C 28 6.74 -11.03 1.60
CA TYR C 28 5.57 -11.08 2.46
C TYR C 28 4.57 -10.02 2.01
N PRO C 29 4.02 -10.17 0.81
CA PRO C 29 3.12 -9.12 0.36
C PRO C 29 1.82 -9.13 1.14
N GLN C 30 1.23 -7.97 1.34
CA GLN C 30 -0.07 -7.88 2.02
C GLN C 30 -1.17 -7.80 0.98
N ILE C 31 -2.38 -8.18 1.39
CA ILE C 31 -3.52 -8.09 0.47
C ILE C 31 -3.73 -6.65 0.04
N GLY C 32 -3.85 -6.46 -1.27
CA GLY C 32 -3.99 -5.14 -1.85
C GLY C 32 -2.70 -4.59 -2.43
N ASP C 33 -1.55 -5.14 -2.06
CA ASP C 33 -0.27 -4.70 -2.61
C ASP C 33 -0.19 -5.05 -4.11
N LYS C 34 0.54 -4.24 -4.87
CA LYS C 34 0.81 -4.47 -6.29
C LYS C 34 2.29 -4.75 -6.50
N LEU C 35 2.60 -5.64 -7.44
CA LEU C 35 3.99 -5.95 -7.75
C LEU C 35 4.15 -6.33 -9.20
N ASP C 36 5.08 -5.70 -9.89
CA ASP C 36 5.37 -6.06 -11.28
C ASP C 36 6.53 -7.05 -11.36
N ILE C 37 6.42 -8.01 -12.27
CA ILE C 37 7.54 -8.82 -12.68
C ILE C 37 7.82 -8.39 -14.13
N ILE C 38 9.08 -8.06 -14.41
CA ILE C 38 9.47 -7.43 -15.67
C ILE C 38 10.57 -8.20 -16.38
N CYS C 39 10.37 -8.51 -17.65
CA CYS C 39 11.47 -8.96 -18.50
C CYS C 39 11.88 -7.77 -19.35
N PRO C 40 13.01 -7.13 -19.01
CA PRO C 40 13.39 -5.91 -19.72
C PRO C 40 13.93 -6.18 -21.13
N LYS C 41 13.77 -5.20 -22.01
CA LYS C 41 14.37 -5.26 -23.35
C LYS C 41 15.92 -5.17 -23.30
N VAL C 42 16.54 -5.40 -24.46
CA VAL C 42 17.99 -5.27 -24.63
C VAL C 42 18.45 -3.81 -24.55
N ASP C 43 19.64 -3.60 -23.96
CA ASP C 43 20.24 -2.27 -23.77
C ASP C 43 20.17 -1.37 -25.01
N GLY C 48 24.81 -8.45 -21.42
CA GLY C 48 24.90 -9.61 -22.32
C GLY C 48 23.71 -9.70 -23.27
N GLN C 49 23.38 -10.93 -23.67
CA GLN C 49 22.28 -11.16 -24.60
C GLN C 49 20.93 -11.18 -23.87
N TYR C 50 19.86 -11.04 -24.63
CA TYR C 50 18.50 -11.17 -24.11
C TYR C 50 18.29 -12.57 -23.59
N GLU C 51 17.63 -12.67 -22.43
CA GLU C 51 17.39 -13.94 -21.81
C GLU C 51 15.93 -14.33 -22.02
N TYR C 52 15.73 -15.50 -22.57
CA TYR C 52 14.40 -16.01 -22.92
C TYR C 52 13.83 -16.81 -21.76
N TYR C 53 12.59 -16.51 -21.33
CA TYR C 53 11.95 -17.26 -20.22
C TYR C 53 10.46 -17.39 -20.42
N LYS C 54 9.91 -18.51 -20.01
CA LYS C 54 8.49 -18.60 -19.66
C LYS C 54 8.41 -18.72 -18.14
N VAL C 55 7.62 -17.84 -17.53
CA VAL C 55 7.53 -17.72 -16.10
C VAL C 55 6.13 -18.16 -15.70
N TYR C 56 6.03 -19.08 -14.74
CA TYR C 56 4.76 -19.69 -14.37
C TYR C 56 4.48 -19.62 -12.89
N MET C 57 3.20 -19.55 -12.55
CA MET C 57 2.79 -19.86 -11.17
C MET C 57 2.65 -21.37 -11.04
N VAL C 58 3.15 -21.92 -9.93
CA VAL C 58 3.17 -23.35 -9.69
C VAL C 58 2.84 -23.64 -8.23
N ASP C 59 2.59 -24.90 -7.92
CA ASP C 59 2.39 -25.30 -6.50
C ASP C 59 3.75 -25.54 -5.81
N LYS C 60 3.71 -25.77 -4.51
CA LYS C 60 4.93 -25.96 -3.69
C LYS C 60 5.80 -27.10 -4.21
N ASP C 61 5.16 -28.22 -4.49
CA ASP C 61 5.86 -29.41 -4.97
C ASP C 61 6.69 -29.14 -6.23
N GLN C 62 6.07 -28.45 -7.18
CA GLN C 62 6.73 -28.12 -8.44
C GLN C 62 7.88 -27.13 -8.24
N ALA C 63 7.68 -26.14 -7.38
CA ALA C 63 8.73 -25.17 -7.07
C ALA C 63 9.92 -25.85 -6.40
N ASP C 64 9.63 -26.71 -5.43
CA ASP C 64 10.66 -27.52 -4.73
C ASP C 64 11.50 -28.37 -5.65
N ARG C 65 10.86 -28.92 -6.69
CA ARG C 65 11.51 -29.80 -7.63
C ARG C 65 11.95 -29.13 -8.92
N CYS C 66 11.72 -27.82 -9.05
CA CYS C 66 11.95 -27.08 -10.29
C CYS C 66 11.45 -27.87 -11.50
N THR C 67 10.18 -28.21 -11.46
CA THR C 67 9.55 -29.02 -12.51
C THR C 67 8.14 -28.47 -12.81
N ILE C 68 7.82 -28.26 -14.08
CA ILE C 68 6.49 -27.82 -14.50
CA ILE C 68 6.50 -27.81 -14.51
C ILE C 68 5.79 -28.88 -15.33
N LYS C 69 4.46 -28.89 -15.29
CA LYS C 69 3.71 -29.79 -16.17
C LYS C 69 3.06 -28.97 -17.28
N LYS C 70 2.71 -29.66 -18.37
CA LYS C 70 2.10 -29.01 -19.55
C LYS C 70 0.83 -28.21 -19.24
N GLU C 71 0.04 -28.64 -18.25
CA GLU C 71 -1.19 -27.97 -17.88
C GLU C 71 -0.91 -26.71 -17.06
N ASN C 72 -0.40 -25.71 -17.77
CA ASN C 72 -0.10 -24.43 -17.18
C ASN C 72 0.06 -23.41 -18.32
N THR C 73 -0.09 -22.15 -17.99
CA THR C 73 -0.05 -21.07 -18.97
C THR C 73 0.87 -19.99 -18.42
N PRO C 74 1.86 -19.52 -19.22
CA PRO C 74 2.80 -18.57 -18.65
C PRO C 74 2.15 -17.30 -18.11
N LEU C 75 2.65 -16.84 -16.95
CA LEU C 75 2.36 -15.48 -16.52
C LEU C 75 3.12 -14.45 -17.37
N LEU C 76 4.31 -14.85 -17.82
CA LEU C 76 5.19 -14.06 -18.67
CA LEU C 76 5.15 -14.06 -18.70
C LEU C 76 5.79 -14.96 -19.72
N ASN C 77 5.75 -14.53 -20.98
CA ASN C 77 6.46 -15.19 -22.06
C ASN C 77 7.49 -14.18 -22.55
N CYS C 78 8.69 -14.28 -22.01
CA CYS C 78 9.75 -13.33 -22.29
C CYS C 78 10.49 -13.79 -23.53
N ALA C 79 9.96 -13.40 -24.67
CA ALA C 79 10.50 -13.79 -25.96
C ALA C 79 10.48 -12.66 -26.96
N LYS C 80 10.65 -11.42 -26.47
CA LYS C 80 10.66 -10.24 -27.30
C LYS C 80 11.81 -9.34 -26.90
N PRO C 81 12.98 -9.49 -27.55
CA PRO C 81 14.16 -8.67 -27.24
C PRO C 81 13.97 -7.16 -27.38
N ASP C 82 13.04 -6.75 -28.22
CA ASP C 82 12.81 -5.36 -28.63
CA ASP C 82 12.89 -5.33 -28.56
C ASP C 82 11.83 -4.59 -27.75
N GLN C 83 11.24 -5.25 -26.76
CA GLN C 83 10.29 -4.56 -25.89
C GLN C 83 10.24 -5.12 -24.46
N ASP C 84 9.99 -4.22 -23.52
CA ASP C 84 9.79 -4.59 -22.13
C ASP C 84 8.49 -5.37 -22.05
N ILE C 85 8.47 -6.44 -21.25
CA ILE C 85 7.26 -7.20 -20.99
C ILE C 85 7.06 -7.21 -19.48
N LYS C 86 5.87 -6.80 -19.06
CA LYS C 86 5.54 -6.60 -17.65
C LYS C 86 4.27 -7.37 -17.30
N PHE C 87 4.32 -8.07 -16.17
CA PHE C 87 3.17 -8.70 -15.58
C PHE C 87 2.90 -8.01 -14.23
N THR C 88 1.67 -7.54 -14.01
CA THR C 88 1.31 -6.87 -12.78
C THR C 88 0.47 -7.81 -11.92
N ILE C 89 0.93 -8.09 -10.70
CA ILE C 89 0.14 -8.81 -9.70
C ILE C 89 -0.46 -7.80 -8.73
N LYS C 90 -1.77 -7.92 -8.48
CA LYS C 90 -2.36 -7.35 -7.28
C LYS C 90 -2.74 -8.52 -6.38
N PHE C 91 -2.24 -8.46 -5.15
CA PHE C 91 -2.45 -9.56 -4.23
C PHE C 91 -3.86 -9.51 -3.65
N GLN C 92 -4.77 -10.19 -4.33
CA GLN C 92 -6.18 -10.17 -3.95
C GLN C 92 -6.85 -11.36 -4.65
N GLU C 93 -8.12 -11.55 -4.30
CA GLU C 93 -8.92 -12.65 -4.82
C GLU C 93 -9.14 -12.57 -6.34
N PHE C 94 -9.47 -11.36 -6.82
CA PHE C 94 -9.91 -11.16 -8.19
C PHE C 94 -8.80 -10.77 -9.15
N SER C 95 -8.80 -11.38 -10.32
CA SER C 95 -7.94 -10.94 -11.41
C SER C 95 -8.52 -11.38 -12.74
N PRO C 96 -7.86 -11.00 -13.85
CA PRO C 96 -8.26 -11.49 -15.17
C PRO C 96 -7.76 -12.89 -15.47
N ASN C 97 -7.00 -13.49 -14.56
CA ASN C 97 -6.46 -14.82 -14.84
C ASN C 97 -7.61 -15.81 -14.69
N LEU C 98 -7.72 -16.72 -15.65
CA LEU C 98 -8.83 -17.64 -15.72
C LEU C 98 -8.44 -19.05 -15.23
N TRP C 99 -7.22 -19.24 -14.73
CA TRP C 99 -6.71 -20.57 -14.35
C TRP C 99 -6.35 -20.69 -12.86
N GLY C 100 -7.05 -19.90 -12.06
CA GLY C 100 -6.98 -20.00 -10.60
C GLY C 100 -5.99 -19.12 -9.87
N LEU C 101 -5.31 -18.18 -10.57
CA LEU C 101 -4.49 -17.19 -9.87
C LEU C 101 -5.43 -16.46 -8.91
N GLU C 102 -5.08 -16.47 -7.63
CA GLU C 102 -5.92 -15.91 -6.64
C GLU C 102 -5.12 -15.95 -5.34
N PHE C 103 -5.22 -14.88 -4.58
CA PHE C 103 -4.40 -14.74 -3.38
C PHE C 103 -5.29 -14.48 -2.18
N GLN C 104 -5.01 -15.24 -1.11
CA GLN C 104 -5.72 -15.12 0.15
CA GLN C 104 -5.70 -15.13 0.17
C GLN C 104 -4.67 -14.98 1.27
N LYS C 105 -5.05 -14.30 2.34
CA LYS C 105 -4.14 -14.16 3.47
C LYS C 105 -3.75 -15.49 4.10
N ASN C 106 -2.54 -15.54 4.64
CA ASN C 106 -1.99 -16.73 5.33
C ASN C 106 -1.80 -17.93 4.45
N LYS C 107 -1.60 -17.71 3.14
CA LYS C 107 -1.25 -18.76 2.22
C LYS C 107 0.00 -18.37 1.46
N ASP C 108 0.68 -19.40 0.98
CA ASP C 108 1.95 -19.26 0.27
C ASP C 108 1.77 -19.57 -1.21
N TYR C 109 2.47 -18.83 -2.06
CA TYR C 109 2.38 -18.97 -3.49
C TYR C 109 3.77 -18.96 -4.13
N TYR C 110 3.86 -19.56 -5.32
CA TYR C 110 5.16 -19.83 -5.96
C TYR C 110 5.19 -19.48 -7.43
N ILE C 111 6.27 -18.83 -7.86
CA ILE C 111 6.51 -18.54 -9.27
C ILE C 111 7.90 -19.00 -9.62
N ILE C 112 8.04 -19.78 -10.70
CA ILE C 112 9.33 -20.26 -11.20
C ILE C 112 9.43 -20.17 -12.72
N SER C 113 10.65 -20.33 -13.22
CA SER C 113 10.89 -20.64 -14.63
C SER C 113 11.84 -21.83 -14.70
N THR C 114 11.51 -22.80 -15.54
CA THR C 114 12.39 -23.91 -15.84
C THR C 114 13.03 -23.75 -17.23
N SER C 115 12.82 -22.60 -17.87
CA SER C 115 13.56 -22.21 -19.07
C SER C 115 15.05 -22.07 -18.68
N ASN C 116 15.95 -22.30 -19.62
CA ASN C 116 17.39 -22.14 -19.34
C ASN C 116 17.99 -20.81 -19.83
N GLY C 117 17.17 -19.92 -20.38
CA GLY C 117 17.64 -18.59 -20.78
C GLY C 117 17.89 -18.44 -22.28
N SER C 118 18.06 -19.55 -22.99
CA SER C 118 18.25 -19.53 -24.44
C SER C 118 16.91 -19.75 -25.14
N LEU C 119 16.81 -19.28 -26.38
CA LEU C 119 15.61 -19.51 -27.18
C LEU C 119 15.26 -20.99 -27.27
N GLU C 120 16.27 -21.84 -27.49
CA GLU C 120 16.03 -23.28 -27.68
C GLU C 120 15.58 -23.99 -26.40
N GLY C 121 15.92 -23.44 -25.24
CA GLY C 121 15.47 -24.01 -23.95
C GLY C 121 14.23 -23.34 -23.35
N LEU C 122 13.54 -22.52 -24.13
CA LEU C 122 12.39 -21.78 -23.64
C LEU C 122 11.31 -22.67 -23.02
N ASP C 123 11.01 -23.80 -23.67
CA ASP C 123 9.93 -24.70 -23.24
C ASP C 123 10.39 -25.85 -22.36
N ASN C 124 11.61 -25.79 -21.84
CA ASN C 124 12.10 -26.84 -20.95
C ASN C 124 11.22 -26.93 -19.72
N GLN C 125 10.98 -28.15 -19.29
CA GLN C 125 10.04 -28.47 -18.21
C GLN C 125 10.72 -28.78 -16.86
N GLU C 126 12.03 -28.99 -16.86
CA GLU C 126 12.73 -29.40 -15.65
C GLU C 126 14.03 -28.63 -15.50
N GLY C 127 14.28 -28.15 -14.29
CA GLY C 127 15.54 -27.51 -13.97
C GLY C 127 15.56 -26.07 -14.38
N GLY C 128 16.37 -25.76 -15.40
CA GLY C 128 16.52 -24.39 -15.86
C GLY C 128 16.96 -23.46 -14.75
N VAL C 129 16.62 -22.19 -14.91
CA VAL C 129 17.07 -21.14 -13.99
C VAL C 129 16.49 -21.26 -12.59
N CYS C 130 15.31 -21.88 -12.44
CA CYS C 130 14.82 -22.25 -11.12
C CYS C 130 15.94 -23.02 -10.35
N GLN C 131 16.57 -23.96 -11.03
CA GLN C 131 17.61 -24.77 -10.40
C GLN C 131 18.98 -24.08 -10.42
N THR C 132 19.40 -23.65 -11.61
CA THR C 132 20.76 -23.17 -11.77
C THR C 132 21.01 -21.78 -11.18
N ARG C 133 19.94 -20.98 -11.01
CA ARG C 133 20.04 -19.60 -10.51
C ARG C 133 19.12 -19.30 -9.36
N ALA C 134 18.45 -20.31 -8.82
CA ALA C 134 17.46 -20.10 -7.77
C ALA C 134 16.39 -19.05 -8.17
N MET C 135 16.02 -19.02 -9.44
CA MET C 135 15.05 -18.05 -9.93
C MET C 135 13.64 -18.59 -9.64
N LYS C 136 13.26 -18.39 -8.39
CA LYS C 136 11.94 -18.74 -7.91
C LYS C 136 11.53 -17.68 -6.92
N ILE C 137 10.23 -17.42 -6.87
CA ILE C 137 9.64 -16.48 -5.94
C ILE C 137 8.68 -17.20 -5.01
N LEU C 138 8.85 -17.00 -3.70
CA LEU C 138 7.92 -17.44 -2.71
C LEU C 138 7.22 -16.22 -2.15
N MET C 139 5.90 -16.20 -2.26
CA MET C 139 5.08 -15.10 -1.75
C MET C 139 4.26 -15.57 -0.56
N LYS C 140 4.60 -15.08 0.62
CA LYS C 140 3.94 -15.46 1.86
C LYS C 140 2.89 -14.40 2.18
N VAL C 141 1.73 -14.57 1.58
CA VAL C 141 0.75 -13.49 1.48
C VAL C 141 0.04 -13.24 2.80
N GLY C 142 -0.02 -11.97 3.19
CA GLY C 142 -0.78 -11.55 4.33
C GLY C 142 -0.16 -12.00 5.63
N GLN C 143 1.13 -12.30 5.59
CA GLN C 143 1.81 -12.86 6.72
C GLN C 143 2.79 -11.85 7.35
N ASP C 144 3.18 -12.18 8.57
CA ASP C 144 4.11 -11.39 9.36
C ASP C 144 5.41 -12.22 9.41
N GLY C 145 6.47 -11.71 8.80
CA GLY C 145 7.76 -12.43 8.73
C GLY C 145 8.60 -12.35 9.98
N SER D 4 -2.11 13.41 33.52
CA SER D 4 -0.93 12.55 33.88
C SER D 4 -1.08 11.90 35.29
N ILE D 5 -0.74 10.63 35.38
CA ILE D 5 -0.67 9.91 36.67
C ILE D 5 0.76 9.74 37.12
N VAL D 6 1.06 10.33 38.27
CA VAL D 6 2.39 10.41 38.82
C VAL D 6 2.49 9.44 39.98
N LEU D 7 3.40 8.48 39.86
CA LEU D 7 3.65 7.51 40.90
C LEU D 7 4.65 8.07 41.90
N GLU D 8 4.50 7.67 43.16
CA GLU D 8 5.43 8.10 44.20
C GLU D 8 6.87 7.87 43.80
N PRO D 9 7.71 8.90 43.87
CA PRO D 9 9.07 8.76 43.32
C PRO D 9 9.93 7.79 44.13
N ILE D 10 10.94 7.22 43.47
CA ILE D 10 11.88 6.31 44.10
CA ILE D 10 11.88 6.31 44.10
C ILE D 10 13.19 7.03 44.38
N TYR D 11 13.53 7.17 45.66
CA TYR D 11 14.81 7.75 46.05
C TYR D 11 15.85 6.67 45.99
N TRP D 12 16.84 6.87 45.12
CA TRP D 12 17.88 5.90 44.91
C TRP D 12 18.96 6.13 45.97
N ASN D 13 18.68 5.61 47.17
CA ASN D 13 19.69 5.58 48.22
C ASN D 13 19.49 4.41 49.18
N SER D 14 20.53 4.15 49.96
CA SER D 14 20.60 2.95 50.80
C SER D 14 19.59 2.91 51.94
N SER D 15 19.02 4.04 52.31
CA SER D 15 18.03 4.06 53.38
C SER D 15 16.59 3.78 52.91
N ASN D 16 16.38 3.55 51.61
CA ASN D 16 15.03 3.40 51.09
C ASN D 16 14.55 2.00 51.38
N SER D 17 13.59 1.90 52.29
CA SER D 17 13.08 0.59 52.69
C SER D 17 12.22 -0.09 51.63
N LYS D 18 11.82 0.63 50.57
CA LYS D 18 11.10 0.00 49.46
C LYS D 18 11.89 -1.06 48.70
N PHE D 19 13.21 -1.04 48.80
CA PHE D 19 14.04 -2.12 48.32
C PHE D 19 14.01 -3.21 49.40
N LEU D 20 13.12 -4.18 49.21
CA LEU D 20 12.90 -5.22 50.23
C LEU D 20 14.10 -6.17 50.29
N PRO D 21 14.44 -6.67 51.52
CA PRO D 21 15.64 -7.50 51.71
C PRO D 21 15.71 -8.64 50.70
N GLY D 22 16.82 -8.75 49.98
CA GLY D 22 17.02 -9.79 49.00
C GLY D 22 16.30 -9.64 47.67
N GLN D 23 15.14 -9.00 47.64
CA GLN D 23 14.23 -8.97 46.47
C GLN D 23 14.10 -7.60 45.77
N GLY D 24 14.44 -6.53 46.45
CA GLY D 24 14.38 -5.21 45.84
C GLY D 24 12.96 -4.71 45.64
N LEU D 25 12.77 -3.86 44.64
CA LEU D 25 11.49 -3.18 44.44
C LEU D 25 10.78 -3.75 43.23
N VAL D 26 9.54 -4.21 43.42
CA VAL D 26 8.74 -4.68 42.31
C VAL D 26 7.54 -3.75 42.15
N LEU D 27 7.35 -3.26 40.93
CA LEU D 27 6.26 -2.34 40.56
C LEU D 27 5.48 -2.91 39.43
N TYR D 28 4.23 -2.48 39.30
CA TYR D 28 3.34 -2.82 38.19
C TYR D 28 2.85 -1.54 37.54
N PRO D 29 3.77 -0.74 36.94
CA PRO D 29 3.26 0.51 36.36
C PRO D 29 2.42 0.23 35.13
N GLN D 30 1.41 1.05 34.91
CA GLN D 30 0.59 0.95 33.73
C GLN D 30 1.07 1.92 32.66
N ILE D 31 0.73 1.62 31.41
CA ILE D 31 1.12 2.47 30.30
C ILE D 31 0.55 3.87 30.52
N GLY D 32 1.41 4.88 30.43
CA GLY D 32 1.04 6.24 30.66
C GLY D 32 1.45 6.77 32.03
N ASP D 33 1.76 5.89 32.98
CA ASP D 33 2.18 6.31 34.32
C ASP D 33 3.57 6.98 34.24
N LYS D 34 3.82 7.91 35.14
CA LYS D 34 5.12 8.56 35.28
C LYS D 34 5.75 8.24 36.60
N LEU D 35 7.07 8.09 36.62
CA LEU D 35 7.79 7.81 37.85
C LEU D 35 9.15 8.47 37.82
N ASP D 36 9.50 9.22 38.87
CA ASP D 36 10.85 9.75 38.99
C ASP D 36 11.72 8.83 39.82
N ILE D 37 12.99 8.72 39.44
CA ILE D 37 14.03 8.12 40.23
C ILE D 37 14.98 9.24 40.57
N ILE D 38 15.27 9.42 41.87
CA ILE D 38 15.95 10.61 42.38
C ILE D 38 17.17 10.26 43.18
N CYS D 39 18.27 10.96 42.89
CA CYS D 39 19.43 10.91 43.76
C CYS D 39 19.45 12.23 44.51
N PRO D 40 19.08 12.20 45.81
CA PRO D 40 18.95 13.46 46.53
C PRO D 40 20.30 14.11 46.88
N LYS D 41 20.30 15.44 46.98
CA LYS D 41 21.46 16.21 47.46
C LYS D 41 21.77 15.92 48.92
N VAL D 42 22.92 16.43 49.37
CA VAL D 42 23.42 16.17 50.73
C VAL D 42 22.64 16.92 51.81
N ASP D 43 22.46 16.27 52.96
CA ASP D 43 21.82 16.87 54.14
C ASP D 43 22.23 16.15 55.44
N GLY D 48 23.62 10.83 56.49
CA GLY D 48 25.01 10.40 56.27
C GLY D 48 25.66 11.07 55.07
N GLN D 49 26.62 10.37 54.45
CA GLN D 49 27.38 10.90 53.31
C GLN D 49 26.59 10.77 52.01
N TYR D 50 26.99 11.56 51.02
CA TYR D 50 26.44 11.42 49.66
C TYR D 50 26.83 10.06 49.10
N GLU D 51 25.88 9.40 48.46
CA GLU D 51 26.10 8.09 47.89
C GLU D 51 26.20 8.24 46.38
N TYR D 52 27.32 7.78 45.83
CA TYR D 52 27.59 7.85 44.41
C TYR D 52 27.07 6.61 43.70
N TYR D 53 26.30 6.78 42.61
CA TYR D 53 25.80 5.64 41.83
C TYR D 53 25.72 5.97 40.37
N LYS D 54 25.98 4.97 39.54
CA LYS D 54 25.50 4.94 38.14
C LYS D 54 24.36 3.93 38.08
N VAL D 55 23.21 4.37 37.61
CA VAL D 55 21.98 3.57 37.57
C VAL D 55 21.68 3.27 36.12
N TYR D 56 21.44 2.00 35.83
CA TYR D 56 21.26 1.54 34.44
C TYR D 56 20.00 0.72 34.25
N MET D 57 19.43 0.82 33.07
CA MET D 57 18.46 -0.18 32.63
C MET D 57 19.26 -1.38 32.05
N VAL D 58 18.86 -2.59 32.43
CA VAL D 58 19.55 -3.82 32.02
C VAL D 58 18.55 -4.89 31.64
N ASP D 59 19.00 -5.96 31.01
CA ASP D 59 18.12 -7.12 30.77
C ASP D 59 18.02 -8.03 32.00
N LYS D 60 17.13 -9.03 31.95
CA LYS D 60 16.89 -9.90 33.10
C LYS D 60 18.17 -10.60 33.56
N ASP D 61 18.91 -11.15 32.59
CA ASP D 61 20.16 -11.88 32.87
C ASP D 61 21.15 -11.04 33.70
N GLN D 62 21.32 -9.80 33.28
CA GLN D 62 22.23 -8.89 33.97
C GLN D 62 21.73 -8.53 35.37
N ALA D 63 20.41 -8.33 35.51
CA ALA D 63 19.81 -8.04 36.81
C ALA D 63 20.01 -9.26 37.75
N ASP D 64 19.72 -10.45 37.25
CA ASP D 64 19.87 -11.70 38.02
C ASP D 64 21.30 -11.94 38.48
N ARG D 65 22.29 -11.50 37.68
CA ARG D 65 23.69 -11.65 37.99
C ARG D 65 24.36 -10.39 38.57
N CYS D 66 23.58 -9.35 38.82
CA CYS D 66 24.08 -8.04 39.27
C CYS D 66 25.36 -7.66 38.52
N THR D 67 25.28 -7.68 37.18
CA THR D 67 26.43 -7.44 36.33
C THR D 67 26.04 -6.55 35.14
N ILE D 68 26.81 -5.50 34.90
CA ILE D 68 26.58 -4.64 33.72
C ILE D 68 27.70 -4.78 32.70
N LYS D 69 27.35 -4.68 31.41
CA LYS D 69 28.34 -4.68 30.31
C LYS D 69 28.65 -3.24 29.91
N LYS D 70 29.82 -3.05 29.31
CA LYS D 70 30.27 -1.72 28.83
C LYS D 70 29.27 -1.02 27.90
N GLU D 71 28.57 -1.79 27.07
CA GLU D 71 27.63 -1.23 26.09
C GLU D 71 26.32 -0.86 26.78
N ASN D 72 26.41 0.20 27.55
CA ASN D 72 25.26 0.74 28.26
C ASN D 72 25.58 2.19 28.63
N THR D 73 24.53 2.96 28.87
CA THR D 73 24.67 4.36 29.18
C THR D 73 23.80 4.62 30.41
N PRO D 74 24.34 5.32 31.43
CA PRO D 74 23.53 5.48 32.64
C PRO D 74 22.21 6.21 32.43
N LEU D 75 21.18 5.76 33.13
CA LEU D 75 19.94 6.53 33.27
C LEU D 75 20.14 7.69 34.26
N LEU D 76 20.97 7.44 35.28
CA LEU D 76 21.37 8.45 36.28
CA LEU D 76 21.36 8.45 36.27
C LEU D 76 22.84 8.28 36.56
N ASN D 77 23.57 9.38 36.59
CA ASN D 77 24.94 9.43 37.06
C ASN D 77 24.93 10.31 38.31
N CYS D 78 24.77 9.65 39.45
CA CYS D 78 24.62 10.36 40.72
C CYS D 78 25.99 10.64 41.30
N ALA D 79 26.56 11.74 40.84
CA ALA D 79 27.90 12.14 41.26
C ALA D 79 28.01 13.64 41.51
N LYS D 80 26.92 14.25 41.96
CA LYS D 80 26.88 15.67 42.28
C LYS D 80 26.19 15.88 43.62
N PRO D 81 26.98 15.91 44.71
CA PRO D 81 26.46 16.15 46.06
C PRO D 81 25.63 17.43 46.25
N ASP D 82 25.86 18.42 45.40
CA ASP D 82 25.32 19.78 45.58
C ASP D 82 23.92 19.97 44.97
N GLN D 83 23.44 19.00 44.19
CA GLN D 83 22.12 19.13 43.55
C GLN D 83 21.37 17.80 43.47
N ASP D 84 20.04 17.87 43.54
CA ASP D 84 19.22 16.69 43.25
C ASP D 84 19.41 16.36 41.78
N ILE D 85 19.49 15.08 41.48
CA ILE D 85 19.52 14.61 40.10
C ILE D 85 18.31 13.68 39.96
N LYS D 86 17.53 13.92 38.93
CA LYS D 86 16.24 13.27 38.74
C LYS D 86 16.16 12.68 37.33
N PHE D 87 15.64 11.47 37.24
CA PHE D 87 15.32 10.86 35.98
C PHE D 87 13.81 10.59 35.98
N THR D 88 13.09 11.09 34.98
CA THR D 88 11.64 10.86 34.85
C THR D 88 11.40 9.77 33.81
N ILE D 89 10.72 8.71 34.21
CA ILE D 89 10.25 7.70 33.27
C ILE D 89 8.78 7.94 33.00
N LYS D 90 8.38 7.94 31.73
CA LYS D 90 6.98 7.77 31.36
C LYS D 90 6.88 6.40 30.70
N PHE D 91 5.99 5.55 31.24
CA PHE D 91 5.92 4.18 30.78
C PHE D 91 5.12 4.12 29.48
N GLN D 92 5.84 4.24 28.36
CA GLN D 92 5.22 4.34 27.06
C GLN D 92 6.29 4.03 26.00
N GLU D 93 5.88 3.96 24.75
CA GLU D 93 6.78 3.66 23.63
C GLU D 93 7.85 4.76 23.41
N PHE D 94 7.43 6.01 23.47
CA PHE D 94 8.29 7.14 23.06
C PHE D 94 9.03 7.80 24.19
N SER D 95 10.30 8.08 23.96
CA SER D 95 11.08 8.89 24.89
C SER D 95 12.25 9.52 24.18
N PRO D 96 13.03 10.36 24.88
CA PRO D 96 14.25 10.90 24.29
C PRO D 96 15.42 9.92 24.29
N ASN D 97 15.24 8.73 24.85
CA ASN D 97 16.33 7.79 24.96
C ASN D 97 16.57 7.21 23.57
N LEU D 98 17.84 7.15 23.16
CA LEU D 98 18.21 6.74 21.84
C LEU D 98 18.73 5.28 21.80
N TRP D 99 18.71 4.57 22.92
CA TRP D 99 19.32 3.23 23.01
C TRP D 99 18.28 2.12 23.32
N GLY D 100 17.03 2.38 22.94
CA GLY D 100 15.95 1.40 23.04
C GLY D 100 15.14 1.36 24.32
N LEU D 101 15.30 2.33 25.22
CA LEU D 101 14.37 2.48 26.33
C LEU D 101 12.99 2.63 25.69
N GLU D 102 12.07 1.78 26.09
CA GLU D 102 10.83 1.67 25.38
C GLU D 102 10.00 0.70 26.22
N PHE D 103 8.75 1.08 26.52
CA PHE D 103 7.91 0.25 27.39
C PHE D 103 6.65 -0.17 26.68
N GLN D 104 6.36 -1.46 26.77
CA GLN D 104 5.14 -2.03 26.18
C GLN D 104 4.44 -2.88 27.24
N LYS D 105 3.14 -3.01 27.11
CA LYS D 105 2.38 -3.80 28.06
C LYS D 105 2.78 -5.28 28.06
N ASN D 106 2.66 -5.91 29.22
CA ASN D 106 2.98 -7.33 29.41
C ASN D 106 4.44 -7.69 29.22
N LYS D 107 5.32 -6.73 29.44
CA LYS D 107 6.76 -6.97 29.42
C LYS D 107 7.38 -6.49 30.73
N ASP D 108 8.51 -7.12 31.09
CA ASP D 108 9.21 -6.82 32.34
C ASP D 108 10.49 -6.08 32.02
N TYR D 109 10.84 -5.13 32.89
CA TYR D 109 12.01 -4.27 32.71
C TYR D 109 12.77 -4.16 34.02
N TYR D 110 14.08 -3.94 33.93
CA TYR D 110 14.97 -3.98 35.11
C TYR D 110 15.88 -2.77 35.17
N ILE D 111 16.04 -2.21 36.37
CA ILE D 111 17.00 -1.14 36.64
C ILE D 111 17.84 -1.59 37.82
N ILE D 112 19.16 -1.48 37.70
CA ILE D 112 20.10 -1.82 38.78
C ILE D 112 21.23 -0.81 38.84
N SER D 113 21.98 -0.86 39.93
CA SER D 113 23.28 -0.24 40.01
C SER D 113 24.25 -1.26 40.57
N THR D 114 25.40 -1.38 39.92
CA THR D 114 26.49 -2.19 40.43
C THR D 114 27.59 -1.33 41.09
N SER D 115 27.33 -0.02 41.22
CA SER D 115 28.19 0.86 42.00
C SER D 115 28.09 0.45 43.47
N ASN D 116 29.12 0.76 44.23
CA ASN D 116 29.11 0.44 45.67
C ASN D 116 28.80 1.61 46.60
N GLY D 117 28.51 2.78 46.04
CA GLY D 117 28.13 3.94 46.84
C GLY D 117 29.23 4.95 47.09
N SER D 118 30.48 4.55 46.87
CA SER D 118 31.63 5.43 47.07
C SER D 118 32.07 6.00 45.72
N LEU D 119 32.76 7.13 45.75
CA LEU D 119 33.25 7.72 44.52
C LEU D 119 34.12 6.73 43.74
N GLU D 120 35.00 6.04 44.45
CA GLU D 120 35.97 5.13 43.84
C GLU D 120 35.33 3.87 43.24
N GLY D 121 34.15 3.48 43.71
CA GLY D 121 33.43 2.34 43.14
C GLY D 121 32.31 2.70 42.16
N LEU D 122 32.29 3.94 41.70
CA LEU D 122 31.21 4.42 40.82
C LEU D 122 31.04 3.55 39.57
N ASP D 123 32.16 3.19 38.95
CA ASP D 123 32.14 2.46 37.68
C ASP D 123 32.27 0.94 37.81
N ASN D 124 32.10 0.41 39.04
CA ASN D 124 32.15 -1.04 39.23
C ASN D 124 31.08 -1.70 38.39
N GLN D 125 31.41 -2.83 37.80
CA GLN D 125 30.52 -3.54 36.89
C GLN D 125 29.86 -4.81 37.46
N GLU D 126 30.24 -5.24 38.67
CA GLU D 126 29.72 -6.47 39.25
C GLU D 126 29.39 -6.28 40.70
N GLY D 127 28.23 -6.77 41.11
CA GLY D 127 27.83 -6.75 42.52
C GLY D 127 27.29 -5.41 42.93
N GLY D 128 28.03 -4.70 43.78
CA GLY D 128 27.61 -3.43 44.31
C GLY D 128 26.28 -3.50 45.02
N VAL D 129 25.57 -2.38 45.02
CA VAL D 129 24.32 -2.28 45.76
C VAL D 129 23.19 -3.15 45.22
N CYS D 130 23.21 -3.47 43.92
CA CYS D 130 22.32 -4.51 43.36
C CYS D 130 22.34 -5.75 44.27
N GLN D 131 23.54 -6.17 44.65
CA GLN D 131 23.68 -7.35 45.52
C GLN D 131 23.57 -6.97 47.01
N THR D 132 24.34 -5.98 47.44
CA THR D 132 24.53 -5.75 48.87
C THR D 132 23.33 -5.08 49.54
N ARG D 133 22.52 -4.35 48.77
CA ARG D 133 21.34 -3.68 49.30
C ARG D 133 20.08 -4.02 48.54
N ALA D 134 20.12 -5.03 47.65
CA ALA D 134 19.01 -5.36 46.78
C ALA D 134 18.46 -4.12 46.05
N MET D 135 19.36 -3.24 45.63
CA MET D 135 18.95 -2.01 44.95
C MET D 135 18.76 -2.31 43.49
N LYS D 136 17.58 -2.84 43.22
CA LYS D 136 17.14 -3.19 41.90
C LYS D 136 15.64 -2.95 41.81
N ILE D 137 15.19 -2.56 40.62
CA ILE D 137 13.80 -2.36 40.33
C ILE D 137 13.35 -3.29 39.24
N LEU D 138 12.26 -4.01 39.48
CA LEU D 138 11.57 -4.79 38.46
C LEU D 138 10.28 -4.06 38.16
N MET D 139 10.08 -3.69 36.90
CA MET D 139 8.85 -3.05 36.45
C MET D 139 8.08 -4.00 35.56
N LYS D 140 6.94 -4.45 36.06
CA LYS D 140 6.11 -5.40 35.33
C LYS D 140 5.02 -4.58 34.66
N VAL D 141 5.33 -4.07 33.48
CA VAL D 141 4.54 -3.03 32.84
C VAL D 141 3.23 -3.55 32.28
N GLY D 142 2.16 -2.85 32.60
CA GLY D 142 0.84 -3.13 32.07
C GLY D 142 0.28 -4.45 32.57
N GLN D 143 0.79 -4.93 33.72
CA GLN D 143 0.39 -6.23 34.26
C GLN D 143 -0.41 -6.07 35.55
N ASP D 144 -1.01 -7.17 35.93
CA ASP D 144 -1.83 -7.28 37.13
C ASP D 144 -1.06 -8.17 38.12
N GLY D 145 -0.75 -7.64 39.30
CA GLY D 145 -0.06 -8.40 40.35
C GLY D 145 -0.93 -9.27 41.25
N THR D 146 -2.25 -9.26 41.03
CA THR D 146 -3.28 -9.95 41.85
C THR D 146 -3.02 -9.95 43.37
S SO4 E . -6.64 9.67 12.05
O1 SO4 E . -7.32 8.37 11.97
O2 SO4 E . -5.19 9.43 12.27
O3 SO4 E . -7.19 10.46 13.17
O4 SO4 E . -6.82 10.43 10.79
S SO4 F . -9.10 12.26 17.94
O1 SO4 F . -9.41 12.44 16.51
O2 SO4 F . -7.62 12.22 18.12
O3 SO4 F . -9.68 10.99 18.42
O4 SO4 F . -9.67 13.39 18.72
S SO4 G . 10.06 14.26 -15.59
O1 SO4 G . 11.00 13.14 -15.88
O2 SO4 G . 10.78 15.35 -14.93
O3 SO4 G . 8.94 13.80 -14.74
O4 SO4 G . 9.50 14.76 -16.86
S SO4 H . 43.54 7.45 15.04
O1 SO4 H . 42.74 6.39 14.43
O2 SO4 H . 44.89 7.38 14.45
O3 SO4 H . 43.65 7.19 16.50
O4 SO4 H . 43.04 8.81 14.78
S SO4 I . 28.22 30.29 24.95
O1 SO4 I . 28.96 29.55 23.89
O2 SO4 I . 28.99 30.38 26.21
O3 SO4 I . 26.94 29.58 25.20
O4 SO4 I . 27.93 31.67 24.48
S SO4 J . 13.30 3.55 9.08
O1 SO4 J . 12.49 2.31 9.03
O2 SO4 J . 14.72 3.24 9.12
O3 SO4 J . 12.84 4.36 10.24
O4 SO4 J . 13.02 4.34 7.87
C ACT K . 0.86 9.50 -9.05
O ACT K . 2.06 9.25 -9.29
OXT ACT K . 0.04 8.61 -8.78
CH3 ACT K . 0.39 10.93 -9.11
C ACT L . 10.14 23.20 29.84
O ACT L . 10.19 22.41 30.81
OXT ACT L . 9.71 24.37 29.91
CH3 ACT L . 10.62 22.73 28.53
C ACT M . -3.74 29.62 19.52
O ACT M . -3.42 30.00 18.37
OXT ACT M . -4.38 28.56 19.71
CH3 ACT M . -3.31 30.47 20.70
C ACT N . 11.92 32.95 25.06
O ACT N . 13.08 32.44 25.03
OXT ACT N . 11.54 33.96 24.36
CH3 ACT N . 10.93 32.32 26.00
CL CL O . 33.59 1.72 17.98
C1 NAG P . 3.95 -8.77 19.80
C2 NAG P . 3.31 -9.86 18.94
C3 NAG P . 2.64 -10.94 19.79
C4 NAG P . 3.47 -11.37 20.99
C5 NAG P . 4.12 -10.20 21.72
C6 NAG P . 5.15 -10.68 22.73
C7 NAG P . 2.21 -9.52 16.76
C8 NAG P . 1.11 -8.78 16.05
N2 NAG P . 2.32 -9.25 18.07
O3 NAG P . 2.38 -12.10 19.01
O4 NAG P . 2.60 -12.05 21.91
O5 NAG P . 4.79 -9.34 20.79
O6 NAG P . 5.46 -9.62 23.63
O7 NAG P . 2.93 -10.32 16.17
C1 NAG Q . 29.33 -6.22 8.36
C2 NAG Q . 28.58 -7.03 9.43
C3 NAG Q . 29.26 -6.87 10.78
C4 NAG Q . 30.73 -7.27 10.70
C5 NAG Q . 31.42 -6.48 9.59
C6 NAG Q . 32.87 -6.93 9.43
C7 NAG Q . 26.20 -7.15 8.79
C8 NAG Q . 24.85 -6.57 9.03
N2 NAG Q . 27.19 -6.61 9.51
O3 NAG Q . 28.61 -7.73 11.74
O4 NAG Q . 31.36 -7.04 11.97
O5 NAG Q . 30.70 -6.64 8.36
O6 NAG Q . 33.48 -6.28 8.32
O7 NAG Q . 26.38 -8.07 7.99
C1 NAG R . 37.65 27.70 31.37
C2 NAG R . 37.70 27.90 32.86
C3 NAG R . 39.02 28.54 33.30
C4 NAG R . 40.17 27.67 32.84
C5 NAG R . 40.06 27.47 31.33
C6 NAG R . 41.19 26.58 30.79
C7 NAG R . 35.73 28.40 34.19
C8 NAG R . 34.75 29.49 34.51
N2 NAG R . 36.63 28.77 33.31
O3 NAG R . 39.05 28.70 34.72
O4 NAG R . 41.43 28.30 33.21
O5 NAG R . 38.79 26.88 31.00
O6 NAG R . 41.09 25.28 31.38
O7 NAG R . 35.68 27.29 34.72
C1 NAG S . 3.17 45.44 18.70
C2 NAG S . 4.09 46.61 18.97
C3 NAG S . 3.71 47.23 20.31
C4 NAG S . 2.22 47.60 20.34
C5 NAG S . 1.31 46.51 19.76
C6 NAG S . -0.09 47.06 19.49
C7 NAG S . 6.44 46.43 18.12
C8 NAG S . 6.14 47.30 16.92
N2 NAG S . 5.49 46.17 19.01
O3 NAG S . 4.49 48.41 20.53
O4 NAG S . 1.84 47.84 21.70
O5 NAG S . 1.85 45.94 18.56
O6 NAG S . -0.09 47.88 18.32
O7 NAG S . 7.57 46.00 18.27
S SO4 T . -24.22 -3.93 1.31
O1 SO4 T . -23.65 -5.01 0.47
O2 SO4 T . -23.38 -2.71 1.22
O3 SO4 T . -24.28 -4.38 2.73
O4 SO4 T . -25.58 -3.58 0.82
S SO4 U . -41.49 -13.70 -30.60
O1 SO4 U . -40.59 -14.58 -31.37
O2 SO4 U . -41.07 -12.29 -30.76
O3 SO4 U . -41.43 -14.06 -29.15
O4 SO4 U . -42.87 -13.87 -31.12
S SO4 V . -42.98 -15.37 -5.20
O1 SO4 V . -42.79 -16.84 -5.12
O2 SO4 V . -42.33 -14.86 -6.42
O3 SO4 V . -42.40 -14.71 -4.01
O4 SO4 V . -44.44 -15.08 -5.25
S SO4 W . -9.75 -34.13 -36.22
O1 SO4 W . -9.65 -35.19 -37.26
O2 SO4 W . -8.37 -33.72 -35.85
O3 SO4 W . -10.41 -34.68 -35.03
O4 SO4 W . -10.52 -32.99 -36.76
S SO4 X . -0.70 -14.37 -42.04
O1 SO4 X . -0.60 -15.38 -40.97
O2 SO4 X . 0.57 -13.64 -42.14
O3 SO4 X . -1.76 -13.40 -41.70
O4 SO4 X . -1.01 -15.02 -43.34
S SO4 Y . -21.23 -21.09 -10.39
O1 SO4 Y . -20.81 -22.10 -11.39
O2 SO4 Y . -20.43 -19.84 -10.41
O3 SO4 Y . -21.08 -21.73 -9.05
O4 SO4 Y . -22.63 -20.71 -10.61
C ACT Z . -6.53 1.66 -19.57
O ACT Z . -7.76 1.71 -19.46
OXT ACT Z . -5.79 1.13 -18.71
CH3 ACT Z . -5.93 2.28 -20.78
C ACT AA . -31.12 -28.04 -10.73
O ACT AA . -32.09 -27.38 -10.32
OXT ACT AA . -31.11 -29.28 -10.66
CH3 ACT AA . -30.00 -27.26 -11.32
CL CL BA . -8.10 -31.72 -24.70
C1 NAG CA . 1.38 -10.29 -43.58
C2 NAG CA . 2.77 -9.72 -43.42
C3 NAG CA . 3.53 -9.76 -44.74
C4 NAG CA . 3.50 -11.17 -45.34
C5 NAG CA . 2.08 -11.74 -45.35
C6 NAG CA . 2.04 -13.20 -45.76
C7 NAG CA . 3.14 -7.86 -41.80
C8 NAG CA . 3.87 -8.76 -40.91
N2 NAG CA . 2.66 -8.36 -42.94
O3 NAG CA . 4.86 -9.31 -44.51
O4 NAG CA . 4.02 -11.15 -46.68
O5 NAG CA . 1.50 -11.63 -44.05
O6 NAG CA . 2.86 -13.97 -44.87
O7 NAG CA . 3.00 -6.68 -41.49
C1 NAG DA . -16.30 -38.05 -16.90
C2 NAG DA . -15.37 -37.94 -15.69
C3 NAG DA . -13.91 -37.84 -16.11
C4 NAG DA . -13.58 -39.01 -17.02
C5 NAG DA . -14.53 -39.03 -18.22
C6 NAG DA . -14.18 -40.20 -19.15
C7 NAG DA . -16.50 -36.87 -13.79
C8 NAG DA . -16.75 -35.58 -13.08
N2 NAG DA . -15.72 -36.78 -14.87
O3 NAG DA . -13.06 -37.85 -14.96
O4 NAG DA . -12.21 -38.94 -17.44
O5 NAG DA . -15.88 -39.13 -17.75
O6 NAG DA . -15.32 -40.62 -19.90
O7 NAG DA . -17.00 -37.93 -13.41
C1 NAG EA . -10.54 -21.48 5.08
C2 NAG EA . -11.23 -22.28 6.18
C3 NAG EA . -10.36 -22.38 7.45
C4 NAG EA . -8.87 -22.62 7.15
C5 NAG EA . -8.37 -21.69 6.04
C6 NAG EA . -6.91 -21.89 5.68
C7 NAG EA . -13.66 -22.18 6.87
C8 NAG EA . -13.80 -23.67 7.03
N2 NAG EA . -12.49 -21.61 6.50
O3 NAG EA . -10.87 -23.44 8.27
O4 NAG EA . -8.10 -22.40 8.35
O5 NAG EA . -9.19 -21.91 4.89
O6 NAG EA . -6.77 -22.89 4.66
O7 NAG EA . -14.61 -21.46 7.08
C1 NAG FA . -23.56 19.01 -28.51
C2 NAG FA . -23.19 19.48 -29.91
C3 NAG FA . -22.24 20.66 -29.79
C4 NAG FA . -22.82 21.77 -28.91
C5 NAG FA . -23.39 21.23 -27.60
C6 NAG FA . -24.19 22.27 -26.84
C7 NAG FA . -23.09 17.73 -31.69
C8 NAG FA . -24.43 18.12 -32.23
N2 NAG FA . -22.57 18.38 -30.63
O3 NAG FA . -21.98 21.19 -31.11
O4 NAG FA . -21.81 22.74 -28.62
O5 NAG FA . -24.22 20.09 -27.84
O6 NAG FA . -25.41 22.54 -27.55
O7 NAG FA . -22.46 16.83 -32.21
S SO4 GA . 2.91 -33.42 -18.39
O1 SO4 GA . 3.56 -34.68 -18.79
O2 SO4 GA . 3.92 -32.35 -18.32
O3 SO4 GA . 2.28 -33.59 -17.06
O4 SO4 GA . 1.88 -33.08 -19.38
C1 NAG HA . 18.79 -25.05 -23.21
C2 NAG HA . 20.27 -25.26 -23.59
C3 NAG HA . 20.35 -25.59 -25.07
C4 NAG HA . 19.50 -26.82 -25.38
C5 NAG HA . 18.07 -26.59 -24.90
C6 NAG HA . 17.14 -27.78 -25.11
C7 NAG HA . 21.81 -23.84 -22.19
C8 NAG HA . 21.90 -24.84 -21.06
N2 NAG HA . 21.08 -24.08 -23.29
O3 NAG HA . 21.71 -25.82 -25.47
O4 NAG HA . 19.55 -27.08 -26.79
O5 NAG HA . 18.07 -26.26 -23.51
O6 NAG HA . 17.52 -28.84 -24.24
O7 NAG HA . 22.43 -22.80 -22.10
C ACT IA . 17.82 16.83 36.87
O ACT IA . 18.42 16.02 36.10
OXT ACT IA . 17.73 16.67 38.10
CH3 ACT IA . 17.18 18.04 36.28
C1 NAG JA . 34.13 0.41 46.06
C2 NAG JA . 34.85 0.07 47.38
C3 NAG JA . 36.30 0.53 47.33
C4 NAG JA . 37.00 0.01 46.07
C5 NAG JA . 36.19 0.44 44.84
C6 NAG JA . 36.81 -0.03 43.53
C7 NAG JA . 33.32 0.14 49.38
C8 NAG JA . 32.85 -1.28 49.20
N2 NAG JA . 34.22 0.70 48.53
O3 NAG JA . 36.98 0.08 48.51
O4 NAG JA . 38.34 0.52 46.00
O5 NAG JA . 34.87 -0.11 44.95
O6 NAG JA . 36.88 -1.47 43.51
O7 NAG JA . 32.88 0.81 50.30
C1 NAG KA . 17.83 9.23 51.12
C2 NAG KA . 18.49 10.45 51.80
C3 NAG KA . 17.52 11.12 52.78
C4 NAG KA . 16.19 11.41 52.09
C5 NAG KA . 15.63 10.11 51.53
C6 NAG KA . 14.24 10.30 50.91
C7 NAG KA . 20.94 10.20 51.98
C8 NAG KA . 22.06 9.77 52.87
N2 NAG KA . 19.71 10.09 52.50
O3 NAG KA . 18.09 12.32 53.30
O4 NAG KA . 15.29 12.02 53.03
O5 NAG KA . 16.55 9.58 50.55
O6 NAG KA . 13.65 9.01 50.68
O7 NAG KA . 21.16 10.62 50.84
#